data_4LNG
#
_entry.id   4LNG
#
_cell.length_a   63.537
_cell.length_b   90.658
_cell.length_c   83.163
_cell.angle_alpha   90.00
_cell.angle_beta   111.09
_cell.angle_gamma   90.00
#
_symmetry.space_group_name_H-M   'P 1 21 1'
#
loop_
_entity.id
_entity.type
_entity.pdbx_description
1 polymer 'CaaX farnesyltransferase alpha subunit Ram2'
2 polymer 'CaaX farnesyltransferase beta subunit Ram1'
3 non-polymer 1,2-ETHANEDIOL
4 non-polymer 'ZINC ION'
5 non-polymer 6-[(S)-AMINO(4-CHLOROPHENYL)(1-METHYL-1H-IMIDAZOL-5-YL)METHYL]-4-(3-CHLOROPHENYL)-1-METHYLQUINOLIN-2(1H)-ONE
6 non-polymer 'FARNESYL DIPHOSPHATE'
7 non-polymer 'POTASSIUM ION'
8 water water
#
loop_
_entity_poly.entity_id
_entity_poly.type
_entity_poly.pdbx_seq_one_letter_code
_entity_poly.pdbx_strand_id
1 'polypeptide(L)'
;MGSSHHHHHHSQDPMEGKYSSDPEWASIKPIELNDGSDFGAMPLATISYSPEYLEATSYLRAVMAANEMSERALRLTGDI
ISMNPAHYTVWIYRAKILFALGKDLNEEIEWLNKVALKHLKNYQIWHHRQVLMSSRAHFPTLPPREQDFLMEMFAQDAKS
YHVWTYRHWLVRHFKLWDHPREIQDVEALLKADVRNNSAWNHRYMLRFGPRDENEFDAGLHNTTGPSSEKGRLPVVDEDL
VDSELQYSQSRILEAPENRSPWSYARGVLQAAGRPLSEWKDFARSFVVEKQENGQVVDVAVKSSHAIEWLADVYAEEDGS
EGSAAEAVKMLTLLKEKYDPIRRNYWEYRIRQITASAAHATEISASA
;
A
2 'polypeptide(L)'
;MPVIAATGKHRRKVLFSSTSQGLSVTAGKPKGRKFSANLQVNSRSPAVTSSHNHSSSSQSGKMGESQVHPGIPALFREPP
LIHDLLSTETTELQSETVNKCLPLLKGIHNSQKGPFNKYGIPALQRKDHLEYLYDSLEDYPASFVALDASRPWMVYWALA
GLCLLGEDVTRFRERVISTFTAAQNSTGGIGGGHGQMSHVASSYAAVLSIAMVGGEEAFKLIDRKAMWKWLGKLKQPDGG
FTVCEGGEEDVRGAYCAMVVHALLDLPLALPPEAEARQNGLETFTDGLPEYLSRCQTYEGGISGSPGSEAHGAYAFCALA
CLCLLGRPEVVVPRYMNIATLLPWLSARQYAPEGGFSGRTNKLVDGCYSHWVGNCWPLVQAALDGTQPLAGPKRSSVGNL
YSREGLTRYILSCCQCKLGGLRDKPGKHPDSYHTCYALTGLSTVQYYHYCTDSSVSSKDDFSSAFSWKHDPNFASDGQGS
DIGVFTENDRLVPFHPIFVIPHKSAEDIRVWFENQSFDL
;
B
#
# COMPACT_ATOMS: atom_id res chain seq x y z
N GLY A 17 -39.35 11.70 -11.13
CA GLY A 17 -38.29 11.52 -10.16
C GLY A 17 -38.78 11.71 -8.74
N LYS A 18 -38.11 11.06 -7.79
CA LYS A 18 -38.47 11.15 -6.38
C LYS A 18 -38.36 12.58 -5.86
N TYR A 19 -37.16 13.14 -5.93
CA TYR A 19 -36.89 14.46 -5.38
C TYR A 19 -37.56 15.59 -6.16
N SER A 20 -37.67 15.42 -7.47
CA SER A 20 -38.19 16.48 -8.33
C SER A 20 -39.69 16.70 -8.17
N SER A 21 -40.37 15.76 -7.52
CA SER A 21 -41.82 15.87 -7.31
C SER A 21 -42.18 16.04 -5.83
N ASP A 22 -41.16 16.05 -4.98
CA ASP A 22 -41.36 16.20 -3.54
C ASP A 22 -41.39 17.67 -3.17
N PRO A 23 -42.50 18.13 -2.54
CA PRO A 23 -42.62 19.51 -2.07
C PRO A 23 -41.52 19.89 -1.07
N GLU A 24 -40.97 18.89 -0.39
CA GLU A 24 -39.84 19.10 0.52
C GLU A 24 -38.62 19.67 -0.21
N TRP A 25 -38.53 19.39 -1.51
CA TRP A 25 -37.36 19.76 -2.29
C TRP A 25 -37.64 20.83 -3.35
N ALA A 26 -38.85 21.38 -3.33
CA ALA A 26 -39.27 22.35 -4.34
C ALA A 26 -38.45 23.64 -4.28
N SER A 27 -37.99 24.00 -3.08
CA SER A 27 -37.32 25.28 -2.87
C SER A 27 -35.91 25.33 -3.47
N ILE A 28 -35.40 24.19 -3.92
CA ILE A 28 -34.03 24.17 -4.46
C ILE A 28 -33.97 23.51 -5.83
N LYS A 29 -33.13 24.05 -6.70
CA LYS A 29 -32.98 23.52 -8.05
C LYS A 29 -31.72 22.67 -8.17
N PRO A 30 -31.85 21.45 -8.71
CA PRO A 30 -30.72 20.53 -8.84
C PRO A 30 -29.72 21.01 -9.89
N ILE A 31 -28.46 20.58 -9.75
CA ILE A 31 -27.42 20.88 -10.72
C ILE A 31 -27.14 19.64 -11.56
N GLU A 32 -27.50 19.72 -12.84
CA GLU A 32 -27.37 18.59 -13.77
CA GLU A 32 -27.36 18.57 -13.73
C GLU A 32 -25.91 18.19 -13.96
N LEU A 33 -25.69 16.90 -14.21
CA LEU A 33 -24.35 16.36 -14.43
C LEU A 33 -23.65 16.96 -15.63
N ASN A 34 -22.42 17.43 -15.41
CA ASN A 34 -21.56 17.90 -16.49
C ASN A 34 -20.32 17.03 -16.56
N ASP A 35 -20.34 16.03 -17.44
CA ASP A 35 -19.24 15.09 -17.54
C ASP A 35 -18.33 15.40 -18.71
N GLY A 36 -18.67 16.44 -19.46
CA GLY A 36 -17.91 16.81 -20.64
C GLY A 36 -18.38 16.08 -21.88
N SER A 37 -19.56 15.47 -21.79
CA SER A 37 -20.12 14.70 -22.90
C SER A 37 -20.86 15.60 -23.90
N ASP A 38 -20.59 16.90 -23.83
CA ASP A 38 -21.15 17.85 -24.77
C ASP A 38 -20.04 18.70 -25.35
N PHE A 39 -19.09 19.08 -24.50
CA PHE A 39 -17.94 19.87 -24.91
C PHE A 39 -16.81 18.99 -25.40
N GLY A 40 -16.21 19.37 -26.52
CA GLY A 40 -15.04 18.68 -27.07
C GLY A 40 -15.22 17.20 -27.30
N ALA A 41 -14.17 16.43 -27.01
CA ALA A 41 -14.18 14.99 -27.20
C ALA A 41 -14.96 14.28 -26.10
N MET A 42 -15.26 13.00 -26.33
N MET A 42 -15.27 13.01 -26.33
CA MET A 42 -16.01 12.19 -25.38
CA MET A 42 -16.00 12.20 -25.37
C MET A 42 -15.13 11.79 -24.19
C MET A 42 -15.13 11.81 -24.19
N PRO A 43 -15.65 11.96 -22.96
CA PRO A 43 -14.93 11.58 -21.75
C PRO A 43 -14.65 10.07 -21.67
N LEU A 44 -13.73 9.68 -20.80
CA LEU A 44 -13.31 8.29 -20.69
C LEU A 44 -13.91 7.60 -19.47
N ALA A 45 -14.06 6.28 -19.56
CA ALA A 45 -14.50 5.46 -18.43
C ALA A 45 -15.79 5.97 -17.79
N THR A 46 -16.78 6.26 -18.62
CA THR A 46 -18.05 6.77 -18.14
C THR A 46 -18.90 5.65 -17.55
N ILE A 47 -19.84 6.02 -16.69
CA ILE A 47 -20.77 5.08 -16.10
C ILE A 47 -22.20 5.52 -16.39
N SER A 48 -23.00 4.63 -16.96
CA SER A 48 -24.39 4.94 -17.26
C SER A 48 -25.24 4.82 -16.00
N TYR A 49 -25.23 5.87 -15.17
CA TYR A 49 -25.90 5.87 -13.88
C TYR A 49 -27.40 5.63 -14.01
N SER A 50 -27.98 5.02 -12.99
CA SER A 50 -29.42 4.87 -12.91
C SER A 50 -30.06 6.25 -12.77
N PRO A 51 -31.31 6.40 -13.22
CA PRO A 51 -31.99 7.69 -13.06
C PRO A 51 -32.10 8.13 -11.60
N GLU A 52 -32.25 7.17 -10.70
CA GLU A 52 -32.33 7.47 -9.26
C GLU A 52 -31.04 8.09 -8.73
N TYR A 53 -29.90 7.51 -9.11
CA TYR A 53 -28.60 8.01 -8.67
C TYR A 53 -28.28 9.37 -9.31
N LEU A 54 -28.64 9.52 -10.58
CA LEU A 54 -28.46 10.79 -11.27
C LEU A 54 -29.19 11.92 -10.57
N GLU A 55 -30.46 11.69 -10.22
CA GLU A 55 -31.28 12.72 -9.60
C GLU A 55 -30.78 13.08 -8.20
N ALA A 56 -30.53 12.07 -7.38
CA ALA A 56 -30.04 12.29 -6.03
C ALA A 56 -28.74 13.09 -6.01
N THR A 57 -27.79 12.71 -6.85
CA THR A 57 -26.51 13.41 -6.89
C THR A 57 -26.63 14.83 -7.47
N SER A 58 -27.62 15.05 -8.32
CA SER A 58 -27.86 16.39 -8.87
CA SER A 58 -27.86 16.39 -8.87
C SER A 58 -28.37 17.32 -7.78
N TYR A 59 -29.16 16.77 -6.86
CA TYR A 59 -29.64 17.55 -5.72
C TYR A 59 -28.55 17.72 -4.68
N LEU A 60 -27.66 16.72 -4.56
CA LEU A 60 -26.54 16.83 -3.64
C LEU A 60 -25.61 17.96 -4.04
N ARG A 61 -25.31 18.07 -5.33
CA ARG A 61 -24.50 19.17 -5.83
C ARG A 61 -25.10 20.51 -5.45
N ALA A 62 -26.43 20.61 -5.55
CA ALA A 62 -27.14 21.84 -5.22
C ALA A 62 -27.05 22.22 -3.74
N VAL A 63 -27.28 21.26 -2.85
CA VAL A 63 -27.22 21.56 -1.42
C VAL A 63 -25.80 21.83 -0.93
N MET A 64 -24.82 21.15 -1.52
CA MET A 64 -23.43 21.38 -1.15
C MET A 64 -22.95 22.75 -1.64
N ALA A 65 -23.41 23.13 -2.84
CA ALA A 65 -23.10 24.45 -3.39
C ALA A 65 -23.65 25.56 -2.52
N ALA A 66 -24.81 25.32 -1.91
CA ALA A 66 -25.44 26.32 -1.05
C ALA A 66 -24.98 26.17 0.40
N ASN A 67 -24.13 25.18 0.66
CA ASN A 67 -23.65 24.87 2.00
C ASN A 67 -24.81 24.61 2.96
N GLU A 68 -25.88 24.00 2.44
CA GLU A 68 -27.09 23.79 3.23
C GLU A 68 -26.90 22.73 4.32
N MET A 69 -27.22 23.12 5.55
CA MET A 69 -27.20 22.22 6.69
C MET A 69 -28.63 22.02 7.16
N SER A 70 -29.24 20.90 6.74
CA SER A 70 -30.66 20.68 6.99
C SER A 70 -30.99 19.22 7.20
N GLU A 71 -32.20 18.96 7.69
CA GLU A 71 -32.69 17.59 7.85
C GLU A 71 -32.89 16.91 6.50
N ARG A 72 -33.38 17.67 5.50
CA ARG A 72 -33.60 17.09 4.18
C ARG A 72 -32.28 16.69 3.51
N ALA A 73 -31.26 17.51 3.69
CA ALA A 73 -29.93 17.21 3.15
C ALA A 73 -29.35 15.98 3.83
N LEU A 74 -29.61 15.85 5.13
CA LEU A 74 -29.14 14.69 5.88
C LEU A 74 -29.76 13.41 5.32
N ARG A 75 -31.07 13.44 5.11
CA ARG A 75 -31.78 12.30 4.52
C ARG A 75 -31.22 11.97 3.14
N LEU A 76 -30.90 13.01 2.38
CA LEU A 76 -30.33 12.85 1.05
C LEU A 76 -29.00 12.10 1.08
N THR A 77 -28.13 12.47 2.02
CA THR A 77 -26.84 11.78 2.15
C THR A 77 -27.05 10.30 2.46
N GLY A 78 -28.05 10.00 3.29
CA GLY A 78 -28.39 8.63 3.61
C GLY A 78 -28.85 7.85 2.39
N ASP A 79 -29.62 8.51 1.54
CA ASP A 79 -30.13 7.89 0.32
C ASP A 79 -28.99 7.57 -0.64
N ILE A 80 -28.10 8.54 -0.86
CA ILE A 80 -26.96 8.35 -1.74
C ILE A 80 -26.01 7.28 -1.22
N ILE A 81 -25.81 7.26 0.09
CA ILE A 81 -25.00 6.23 0.74
C ILE A 81 -25.60 4.84 0.52
N SER A 82 -26.93 4.76 0.48
CA SER A 82 -27.60 3.48 0.26
C SER A 82 -27.39 2.98 -1.17
N MET A 83 -27.13 3.90 -2.09
CA MET A 83 -26.84 3.54 -3.48
C MET A 83 -25.35 3.35 -3.73
N ASN A 84 -24.53 4.14 -3.06
CA ASN A 84 -23.08 4.11 -3.27
C ASN A 84 -22.31 4.53 -2.04
N PRO A 85 -22.00 3.56 -1.15
CA PRO A 85 -21.29 3.84 0.09
C PRO A 85 -19.82 4.22 -0.11
N ALA A 86 -19.32 4.07 -1.33
CA ALA A 86 -17.94 4.47 -1.63
C ALA A 86 -17.84 5.90 -2.15
N HIS A 87 -18.90 6.68 -1.95
CA HIS A 87 -18.92 8.09 -2.35
C HIS A 87 -18.31 8.92 -1.22
N TYR A 88 -17.00 9.18 -1.30
CA TYR A 88 -16.29 9.82 -0.18
C TYR A 88 -16.82 11.20 0.17
N THR A 89 -17.23 11.97 -0.85
CA THR A 89 -17.72 13.32 -0.63
C THR A 89 -18.97 13.36 0.25
N VAL A 90 -19.89 12.42 0.01
CA VAL A 90 -21.17 12.45 0.71
C VAL A 90 -21.03 12.17 2.21
N TRP A 91 -20.07 11.31 2.57
CA TRP A 91 -19.80 11.00 3.97
C TRP A 91 -19.30 12.21 4.74
N ILE A 92 -18.40 12.95 4.12
CA ILE A 92 -17.83 14.14 4.74
C ILE A 92 -18.88 15.23 4.89
N TYR A 93 -19.71 15.40 3.88
CA TYR A 93 -20.81 16.34 3.94
C TYR A 93 -21.83 15.92 5.00
N ARG A 94 -22.09 14.63 5.11
CA ARG A 94 -22.98 14.11 6.13
C ARG A 94 -22.49 14.45 7.54
N ALA A 95 -21.19 14.27 7.77
CA ALA A 95 -20.61 14.57 9.07
C ALA A 95 -20.76 16.04 9.41
N LYS A 96 -20.56 16.92 8.43
CA LYS A 96 -20.75 18.36 8.62
C LYS A 96 -22.15 18.68 9.12
N ILE A 97 -23.15 18.06 8.49
CA ILE A 97 -24.54 18.32 8.85
C ILE A 97 -24.86 17.85 10.26
N LEU A 98 -24.38 16.67 10.60
CA LEU A 98 -24.61 16.09 11.93
C LEU A 98 -24.12 17.01 13.04
N PHE A 99 -22.94 17.58 12.87
CA PHE A 99 -22.39 18.46 13.88
C PHE A 99 -23.07 19.83 13.87
N ALA A 100 -23.34 20.34 12.67
CA ALA A 100 -23.99 21.64 12.51
C ALA A 100 -25.40 21.66 13.10
N LEU A 101 -26.09 20.53 13.01
CA LEU A 101 -27.48 20.46 13.49
C LEU A 101 -27.56 19.95 14.93
N GLY A 102 -26.44 19.52 15.48
CA GLY A 102 -26.41 18.98 16.83
C GLY A 102 -27.23 17.71 16.95
N LYS A 103 -27.16 16.87 15.92
CA LYS A 103 -27.88 15.59 15.91
C LYS A 103 -27.39 14.65 17.00
N ASP A 104 -28.28 13.78 17.47
CA ASP A 104 -27.93 12.74 18.42
C ASP A 104 -26.96 11.76 17.75
N LEU A 105 -25.71 11.75 18.21
CA LEU A 105 -24.69 10.90 17.59
C LEU A 105 -24.79 9.44 18.02
N ASN A 106 -25.47 9.18 19.13
CA ASN A 106 -25.75 7.81 19.54
C ASN A 106 -26.62 7.13 18.50
N GLU A 107 -27.62 7.86 18.00
CA GLU A 107 -28.52 7.34 16.98
C GLU A 107 -27.79 7.19 15.65
N GLU A 108 -26.87 8.10 15.38
CA GLU A 108 -26.09 8.03 14.15
C GLU A 108 -25.19 6.79 14.17
N ILE A 109 -24.61 6.49 15.33
CA ILE A 109 -23.79 5.30 15.49
C ILE A 109 -24.60 4.02 15.27
N GLU A 110 -25.82 3.98 15.82
CA GLU A 110 -26.70 2.84 15.66
CA GLU A 110 -26.67 2.82 15.65
C GLU A 110 -27.02 2.59 14.18
N TRP A 111 -27.19 3.67 13.44
CA TRP A 111 -27.45 3.59 12.00
C TRP A 111 -26.21 3.14 11.25
N LEU A 112 -25.06 3.69 11.66
CA LEU A 112 -23.79 3.38 11.02
C LEU A 112 -23.43 1.91 11.18
N ASN A 113 -23.79 1.33 12.33
CA ASN A 113 -23.55 -0.09 12.58
C ASN A 113 -24.20 -0.96 11.51
N LYS A 114 -25.41 -0.59 11.12
CA LYS A 114 -26.17 -1.35 10.13
C LYS A 114 -25.54 -1.24 8.75
N VAL A 115 -24.99 -0.06 8.45
CA VAL A 115 -24.32 0.16 7.17
C VAL A 115 -23.03 -0.66 7.12
N ALA A 116 -22.31 -0.66 8.25
CA ALA A 116 -21.06 -1.41 8.36
C ALA A 116 -21.28 -2.92 8.17
N LEU A 117 -22.37 -3.43 8.74
CA LEU A 117 -22.67 -4.85 8.64
C LEU A 117 -23.06 -5.28 7.23
N LYS A 118 -23.58 -4.34 6.46
CA LYS A 118 -23.96 -4.61 5.07
C LYS A 118 -22.78 -4.50 4.12
N HIS A 119 -21.80 -3.68 4.48
CA HIS A 119 -20.64 -3.43 3.62
C HIS A 119 -19.32 -3.66 4.34
N LEU A 120 -19.02 -4.94 4.61
CA LEU A 120 -17.84 -5.34 5.35
C LEU A 120 -16.52 -4.74 4.88
N LYS A 121 -16.38 -4.60 3.57
CA LYS A 121 -15.10 -4.18 3.00
C LYS A 121 -14.99 -2.68 2.77
N ASN A 122 -16.02 -1.93 3.14
CA ASN A 122 -16.02 -0.49 2.95
C ASN A 122 -15.25 0.23 4.06
N TYR A 123 -14.27 1.05 3.70
CA TYR A 123 -13.46 1.72 4.72
C TYR A 123 -13.90 3.16 5.03
N GLN A 124 -14.67 3.76 4.14
CA GLN A 124 -15.20 5.12 4.37
C GLN A 124 -16.07 5.16 5.63
N ILE A 125 -16.85 4.10 5.83
CA ILE A 125 -17.70 3.94 7.00
C ILE A 125 -16.91 4.06 8.29
N TRP A 126 -15.67 3.60 8.25
CA TRP A 126 -14.86 3.54 9.46
C TRP A 126 -14.09 4.82 9.76
N HIS A 127 -13.78 5.61 8.73
CA HIS A 127 -13.28 6.96 8.98
C HIS A 127 -14.40 7.79 9.58
N HIS A 128 -15.60 7.62 9.04
CA HIS A 128 -16.78 8.32 9.54
C HIS A 128 -17.00 8.00 11.01
N ARG A 129 -16.86 6.73 11.36
CA ARG A 129 -17.03 6.31 12.76
C ARG A 129 -16.02 7.03 13.67
N GLN A 130 -14.79 7.14 13.19
CA GLN A 130 -13.74 7.81 13.97
C GLN A 130 -14.06 9.29 14.18
N VAL A 131 -14.52 9.95 13.12
CA VAL A 131 -14.91 11.36 13.19
C VAL A 131 -15.99 11.61 14.25
N LEU A 132 -17.01 10.75 14.27
CA LEU A 132 -18.09 10.88 15.23
C LEU A 132 -17.61 10.59 16.65
N MET A 133 -16.92 9.47 16.80
CA MET A 133 -16.50 8.97 18.12
C MET A 133 -15.48 9.86 18.79
N SER A 134 -14.75 10.64 17.99
CA SER A 134 -13.71 11.52 18.52
C SER A 134 -14.31 12.73 19.26
N SER A 135 -15.61 12.93 19.13
CA SER A 135 -16.27 14.06 19.78
C SER A 135 -16.52 13.80 21.27
N ARG A 136 -15.67 14.40 22.11
CA ARG A 136 -15.76 14.22 23.56
C ARG A 136 -17.09 14.68 24.14
N ALA A 137 -17.71 15.68 23.53
CA ALA A 137 -18.99 16.19 23.99
C ALA A 137 -20.07 15.12 23.93
N HIS A 138 -20.00 14.27 22.91
CA HIS A 138 -21.00 13.22 22.72
C HIS A 138 -20.56 11.88 23.30
N PHE A 139 -19.26 11.60 23.25
CA PHE A 139 -18.74 10.33 23.74
C PHE A 139 -17.60 10.57 24.71
N PRO A 140 -17.91 10.98 25.95
CA PRO A 140 -16.88 11.29 26.95
C PRO A 140 -16.09 10.05 27.34
N THR A 141 -16.76 8.90 27.33
CA THR A 141 -16.13 7.64 27.68
C THR A 141 -16.49 6.57 26.66
N LEU A 142 -15.75 5.46 26.71
CA LEU A 142 -16.01 4.31 25.83
C LEU A 142 -17.44 3.81 25.99
N PRO A 143 -18.23 3.88 24.90
CA PRO A 143 -19.60 3.37 24.92
C PRO A 143 -19.64 1.89 25.31
N PRO A 144 -20.61 1.49 26.14
CA PRO A 144 -20.65 0.16 26.77
C PRO A 144 -20.72 -1.04 25.83
N ARG A 145 -21.07 -0.84 24.56
CA ARG A 145 -21.15 -1.97 23.62
C ARG A 145 -20.30 -1.74 22.37
N GLU A 146 -19.40 -0.77 22.43
CA GLU A 146 -18.52 -0.48 21.30
C GLU A 146 -17.56 -1.64 21.01
N GLN A 147 -16.90 -2.16 22.03
CA GLN A 147 -16.00 -3.29 21.83
C GLN A 147 -16.74 -4.53 21.33
N ASP A 148 -17.96 -4.74 21.80
CA ASP A 148 -18.78 -5.86 21.31
C ASP A 148 -19.07 -5.75 19.82
N PHE A 149 -19.36 -4.53 19.34
CA PHE A 149 -19.63 -4.36 17.92
C PHE A 149 -18.39 -4.66 17.07
N LEU A 150 -17.23 -4.27 17.57
CA LEU A 150 -15.98 -4.57 16.86
C LEU A 150 -15.79 -6.09 16.73
N MET A 151 -16.14 -6.83 17.78
CA MET A 151 -16.04 -8.29 17.73
C MET A 151 -17.06 -8.90 16.76
N GLU A 152 -18.19 -8.22 16.58
CA GLU A 152 -19.16 -8.69 15.59
CA GLU A 152 -19.18 -8.66 15.59
C GLU A 152 -18.59 -8.54 14.18
N MET A 153 -17.79 -7.51 13.96
CA MET A 153 -17.11 -7.34 12.67
C MET A 153 -16.01 -8.38 12.49
N PHE A 154 -15.18 -8.54 13.52
CA PHE A 154 -14.08 -9.49 13.46
C PHE A 154 -14.56 -10.94 13.34
N ALA A 155 -15.75 -11.23 13.82
CA ALA A 155 -16.31 -12.57 13.68
C ALA A 155 -16.61 -12.90 12.21
N GLN A 156 -16.77 -11.85 11.40
CA GLN A 156 -17.02 -12.01 9.97
C GLN A 156 -15.76 -11.91 9.11
N ASP A 157 -14.81 -11.08 9.53
CA ASP A 157 -13.50 -10.98 8.89
C ASP A 157 -12.46 -10.58 9.92
N ALA A 158 -11.74 -11.58 10.44
CA ALA A 158 -10.86 -11.38 11.59
C ALA A 158 -9.64 -10.50 11.31
N LYS A 159 -9.38 -10.22 10.03
CA LYS A 159 -8.18 -9.47 9.65
C LYS A 159 -8.49 -8.12 9.00
N SER A 160 -9.74 -7.69 9.09
CA SER A 160 -10.17 -6.43 8.47
CA SER A 160 -10.18 -6.44 8.47
C SER A 160 -9.26 -5.27 8.84
N TYR A 161 -8.48 -4.81 7.87
CA TYR A 161 -7.47 -3.79 8.13
C TYR A 161 -8.08 -2.50 8.69
N HIS A 162 -9.21 -2.08 8.12
CA HIS A 162 -9.84 -0.83 8.55
C HIS A 162 -10.48 -0.91 9.94
N VAL A 163 -11.02 -2.07 10.31
CA VAL A 163 -11.58 -2.22 11.65
C VAL A 163 -10.46 -2.27 12.69
N TRP A 164 -9.36 -2.95 12.37
CA TRP A 164 -8.20 -2.95 13.26
C TRP A 164 -7.63 -1.55 13.42
N THR A 165 -7.55 -0.80 12.33
CA THR A 165 -7.06 0.58 12.38
C THR A 165 -7.94 1.43 13.29
N TYR A 166 -9.25 1.27 13.17
CA TYR A 166 -10.18 1.97 14.04
C TYR A 166 -9.96 1.57 15.49
N ARG A 167 -9.74 0.28 15.74
CA ARG A 167 -9.58 -0.17 17.11
C ARG A 167 -8.30 0.38 17.74
N HIS A 168 -7.25 0.55 16.93
N HIS A 168 -7.27 0.55 16.91
CA HIS A 168 -6.03 1.18 17.42
CA HIS A 168 -6.02 1.17 17.34
C HIS A 168 -6.32 2.61 17.86
C HIS A 168 -6.29 2.60 17.82
N TRP A 169 -7.04 3.34 17.02
CA TRP A 169 -7.41 4.71 17.34
C TRP A 169 -8.26 4.76 18.62
N LEU A 170 -9.19 3.83 18.73
CA LEU A 170 -10.07 3.75 19.89
C LEU A 170 -9.28 3.55 21.18
N VAL A 171 -8.30 2.66 21.13
CA VAL A 171 -7.46 2.39 22.30
C VAL A 171 -6.71 3.64 22.74
N ARG A 172 -6.08 4.32 21.78
CA ARG A 172 -5.35 5.55 22.09
C ARG A 172 -6.27 6.65 22.61
N HIS A 173 -7.43 6.80 21.97
CA HIS A 173 -8.35 7.90 22.29
C HIS A 173 -8.94 7.77 23.69
N PHE A 174 -9.37 6.57 24.06
CA PHE A 174 -9.97 6.35 25.37
C PHE A 174 -8.97 5.77 26.38
N LYS A 175 -7.71 5.68 25.98
CA LYS A 175 -6.63 5.20 26.84
C LYS A 175 -6.89 3.79 27.36
N LEU A 176 -7.08 2.85 26.43
CA LEU A 176 -7.52 1.51 26.78
C LEU A 176 -6.42 0.46 26.77
N TRP A 177 -5.16 0.90 26.85
CA TRP A 177 -4.04 -0.05 26.76
C TRP A 177 -4.13 -1.19 27.78
N ASP A 178 -4.56 -0.86 28.99
CA ASP A 178 -4.67 -1.86 30.05
C ASP A 178 -6.10 -2.31 30.32
N HIS A 179 -7.02 -1.92 29.45
CA HIS A 179 -8.41 -2.35 29.53
C HIS A 179 -8.48 -3.86 29.23
N PRO A 180 -9.06 -4.63 30.15
CA PRO A 180 -9.04 -6.10 30.03
C PRO A 180 -9.70 -6.67 28.77
N ARG A 181 -10.68 -5.98 28.20
CA ARG A 181 -11.34 -6.49 26.99
C ARG A 181 -10.45 -6.40 25.76
N GLU A 182 -9.51 -5.46 25.75
CA GLU A 182 -8.59 -5.35 24.62
C GLU A 182 -7.70 -6.59 24.53
N ILE A 183 -7.09 -6.97 25.65
CA ILE A 183 -6.24 -8.16 25.66
C ILE A 183 -7.08 -9.44 25.55
N GLN A 184 -8.28 -9.43 26.14
CA GLN A 184 -9.19 -10.57 26.08
C GLN A 184 -9.65 -10.83 24.66
N ASP A 185 -10.00 -9.77 23.94
CA ASP A 185 -10.46 -9.92 22.55
C ASP A 185 -9.33 -10.38 21.63
N VAL A 186 -8.13 -9.88 21.87
CA VAL A 186 -6.95 -10.32 21.12
C VAL A 186 -6.73 -11.82 21.35
N GLU A 187 -6.82 -12.25 22.59
CA GLU A 187 -6.55 -13.65 22.92
C GLU A 187 -7.67 -14.58 22.42
N ALA A 188 -8.90 -14.07 22.38
CA ALA A 188 -10.00 -14.84 21.80
C ALA A 188 -9.76 -15.07 20.32
N LEU A 189 -9.29 -14.03 19.63
CA LEU A 189 -9.00 -14.14 18.20
C LEU A 189 -7.79 -15.02 17.92
N LEU A 190 -6.80 -14.99 18.80
CA LEU A 190 -5.62 -15.84 18.64
C LEU A 190 -5.92 -17.29 19.02
N LYS A 191 -6.94 -17.50 19.85
CA LYS A 191 -7.39 -18.86 20.13
C LYS A 191 -8.04 -19.45 18.88
N ALA A 192 -8.88 -18.65 18.23
CA ALA A 192 -9.58 -19.08 17.02
C ALA A 192 -8.61 -19.27 15.84
N ASP A 193 -7.64 -18.37 15.72
CA ASP A 193 -6.63 -18.48 14.67
C ASP A 193 -5.33 -17.86 15.16
N VAL A 194 -4.39 -18.70 15.59
CA VAL A 194 -3.11 -18.25 16.14
C VAL A 194 -2.27 -17.54 15.08
N ARG A 195 -2.64 -17.73 13.82
CA ARG A 195 -1.93 -17.11 12.71
C ARG A 195 -2.51 -15.75 12.32
N ASN A 196 -3.40 -15.21 13.14
CA ASN A 196 -3.98 -13.89 12.87
C ASN A 196 -2.98 -12.79 13.21
N ASN A 197 -2.22 -12.35 12.21
CA ASN A 197 -1.18 -11.35 12.43
C ASN A 197 -1.71 -9.99 12.86
N SER A 198 -2.95 -9.69 12.47
CA SER A 198 -3.58 -8.44 12.91
C SER A 198 -3.77 -8.40 14.42
N ALA A 199 -4.11 -9.55 14.99
CA ALA A 199 -4.29 -9.64 16.44
C ALA A 199 -2.95 -9.51 17.16
N TRP A 200 -1.90 -10.10 16.59
CA TRP A 200 -0.55 -9.99 17.14
C TRP A 200 -0.06 -8.55 17.10
N ASN A 201 -0.37 -7.84 16.02
CA ASN A 201 0.03 -6.44 15.87
C ASN A 201 -0.65 -5.55 16.90
N HIS A 202 -1.93 -5.80 17.14
CA HIS A 202 -2.68 -5.07 18.16
C HIS A 202 -2.13 -5.39 19.55
N ARG A 203 -1.75 -6.64 19.78
CA ARG A 203 -1.16 -7.03 21.06
C ARG A 203 0.13 -6.26 21.33
N TYR A 204 0.94 -6.07 20.30
CA TYR A 204 2.17 -5.29 20.46
C TYR A 204 1.85 -3.86 20.90
N MET A 205 0.84 -3.27 20.28
CA MET A 205 0.44 -1.91 20.63
C MET A 205 -0.02 -1.80 22.08
N LEU A 206 -0.84 -2.76 22.52
CA LEU A 206 -1.35 -2.77 23.88
C LEU A 206 -0.21 -2.87 24.91
N ARG A 207 0.76 -3.71 24.61
CA ARG A 207 1.82 -4.02 25.57
C ARG A 207 3.06 -3.14 25.46
N PHE A 208 3.42 -2.77 24.23
CA PHE A 208 4.70 -2.08 24.01
C PHE A 208 4.60 -0.78 23.20
N GLY A 209 3.40 -0.44 22.73
CA GLY A 209 3.23 0.78 21.96
C GLY A 209 3.37 2.03 22.81
N PRO A 210 3.88 3.12 22.22
CA PRO A 210 4.05 4.41 22.91
C PRO A 210 2.72 4.97 23.38
N ARG A 211 2.68 5.48 24.61
CA ARG A 211 1.43 5.98 25.18
C ARG A 211 1.46 7.48 25.50
N ASP A 212 2.62 8.11 25.40
CA ASP A 212 2.78 9.52 25.78
C ASP A 212 1.83 10.42 24.98
N GLU A 213 0.90 11.07 25.68
CA GLU A 213 -0.11 11.89 25.03
C GLU A 213 0.44 13.22 24.51
N ASN A 214 1.64 13.57 24.98
CA ASN A 214 2.30 14.79 24.52
C ASN A 214 3.19 14.55 23.30
N GLU A 215 3.08 13.36 22.72
CA GLU A 215 3.85 13.01 21.54
C GLU A 215 2.94 12.58 20.41
N PHE A 216 3.41 12.72 19.18
CA PHE A 216 2.68 12.21 18.03
C PHE A 216 2.63 10.69 18.14
N ASP A 217 1.57 10.08 17.62
N ASP A 217 1.58 10.10 17.59
CA ASP A 217 1.43 8.63 17.68
CA ASP A 217 1.42 8.65 17.59
C ASP A 217 2.52 7.95 16.83
C ASP A 217 2.56 7.97 16.83
N ALA A 218 2.98 6.79 17.30
CA ALA A 218 4.02 6.05 16.61
C ALA A 218 3.80 4.56 16.84
N GLY A 219 4.24 3.74 15.88
CA GLY A 219 4.15 2.30 16.04
C GLY A 219 5.22 1.78 16.98
N LEU A 220 6.32 2.53 17.08
CA LEU A 220 7.46 2.11 17.90
C LEU A 220 7.96 3.26 18.77
N HIS A 221 8.48 2.93 19.94
CA HIS A 221 9.21 3.89 20.76
C HIS A 221 10.50 4.32 20.09
N ASN A 222 11.06 5.43 20.55
CA ASN A 222 12.41 5.85 20.19
C ASN A 222 12.62 6.17 18.70
N THR A 223 11.62 6.75 18.05
CA THR A 223 11.76 7.15 16.66
C THR A 223 12.62 8.42 16.51
N THR A 224 12.94 9.06 17.63
CA THR A 224 13.80 10.24 17.61
C THR A 224 15.28 9.85 17.64
N GLY A 225 15.54 8.58 17.96
CA GLY A 225 16.91 8.09 18.03
C GLY A 225 17.37 7.48 16.72
N PRO A 226 18.56 6.85 16.73
CA PRO A 226 19.07 6.15 15.55
C PRO A 226 18.08 5.09 15.11
N SER A 227 17.90 4.91 13.80
CA SER A 227 16.90 3.97 13.30
C SER A 227 17.16 2.54 13.75
N SER A 228 18.42 2.19 13.98
CA SER A 228 18.77 0.86 14.46
C SER A 228 18.23 0.60 15.86
N GLU A 229 17.95 1.66 16.60
CA GLU A 229 17.45 1.55 17.96
CA GLU A 229 17.45 1.54 17.96
C GLU A 229 15.96 1.83 18.05
N LYS A 230 15.30 1.92 16.89
CA LYS A 230 13.86 2.17 16.86
C LYS A 230 13.14 1.02 17.57
N GLY A 231 12.25 1.37 18.50
CA GLY A 231 11.54 0.36 19.26
C GLY A 231 11.95 0.27 20.72
N ARG A 232 13.16 0.71 21.03
CA ARG A 232 13.70 0.63 22.40
C ARG A 232 12.86 1.40 23.42
N LEU A 233 12.43 0.70 24.46
CA LEU A 233 11.65 1.30 25.54
C LEU A 233 12.55 2.15 26.44
N PRO A 234 12.07 3.33 26.85
CA PRO A 234 12.80 4.17 27.81
C PRO A 234 12.91 3.47 29.17
N VAL A 235 11.82 2.86 29.61
CA VAL A 235 11.79 2.11 30.86
C VAL A 235 11.18 0.72 30.59
N VAL A 236 11.84 -0.32 31.09
CA VAL A 236 11.42 -1.68 30.80
C VAL A 236 10.82 -2.41 32.01
N ASP A 237 9.59 -2.88 31.85
CA ASP A 237 8.94 -3.73 32.85
C ASP A 237 9.40 -5.16 32.59
N GLU A 238 10.38 -5.62 33.37
CA GLU A 238 11.01 -6.91 33.11
C GLU A 238 10.07 -8.11 33.29
N ASP A 239 9.17 -8.02 34.26
CA ASP A 239 8.20 -9.09 34.50
C ASP A 239 7.19 -9.21 33.35
N LEU A 240 6.83 -8.07 32.78
CA LEU A 240 5.90 -8.05 31.65
C LEU A 240 6.57 -8.62 30.41
N VAL A 241 7.85 -8.28 30.22
CA VAL A 241 8.61 -8.82 29.10
C VAL A 241 8.70 -10.34 29.17
N ASP A 242 9.03 -10.87 30.36
CA ASP A 242 9.12 -12.31 30.57
C ASP A 242 7.79 -13.00 30.27
N SER A 243 6.70 -12.39 30.73
CA SER A 243 5.37 -12.95 30.55
C SER A 243 4.96 -12.98 29.07
N GLU A 244 5.32 -11.92 28.34
CA GLU A 244 4.99 -11.85 26.92
C GLU A 244 5.83 -12.81 26.09
N LEU A 245 7.08 -13.03 26.51
CA LEU A 245 7.94 -13.99 25.84
C LEU A 245 7.46 -15.42 26.08
N GLN A 246 7.04 -15.70 27.31
CA GLN A 246 6.51 -17.01 27.64
C GLN A 246 5.23 -17.29 26.86
N TYR A 247 4.38 -16.27 26.73
CA TYR A 247 3.15 -16.39 25.95
C TYR A 247 3.47 -16.71 24.49
N SER A 248 4.48 -16.03 23.98
CA SER A 248 4.91 -16.24 22.59
C SER A 248 5.38 -17.66 22.34
N GLN A 249 6.19 -18.19 23.26
CA GLN A 249 6.67 -19.56 23.15
C GLN A 249 5.52 -20.57 23.16
N SER A 250 4.52 -20.32 24.00
CA SER A 250 3.37 -21.22 24.12
C SER A 250 2.56 -21.28 22.84
N ARG A 251 2.37 -20.13 22.20
CA ARG A 251 1.65 -20.08 20.93
C ARG A 251 2.46 -20.73 19.82
N ILE A 252 3.77 -20.51 19.84
CA ILE A 252 4.67 -21.09 18.86
C ILE A 252 4.58 -22.61 18.88
N LEU A 253 4.55 -23.18 20.09
CA LEU A 253 4.49 -24.64 20.24
C LEU A 253 3.21 -25.24 19.65
N GLU A 254 2.18 -24.43 19.48
CA GLU A 254 0.93 -24.87 18.86
C GLU A 254 1.06 -25.00 17.34
N ALA A 255 1.97 -24.23 16.76
CA ALA A 255 2.19 -24.23 15.31
C ALA A 255 3.50 -23.51 14.99
N PRO A 256 4.62 -24.25 15.04
CA PRO A 256 5.97 -23.67 14.94
C PRO A 256 6.27 -22.92 13.65
N GLU A 257 5.59 -23.26 12.55
CA GLU A 257 5.86 -22.61 11.27
C GLU A 257 5.10 -21.28 11.12
N ASN A 258 4.28 -20.95 12.12
CA ASN A 258 3.56 -19.67 12.17
C ASN A 258 4.54 -18.51 12.42
N ARG A 259 4.70 -17.64 11.42
CA ARG A 259 5.65 -16.54 11.51
C ARG A 259 5.30 -15.48 12.57
N SER A 260 4.02 -15.22 12.75
CA SER A 260 3.58 -14.10 13.60
C SER A 260 4.17 -14.06 15.02
N PRO A 261 4.08 -15.16 15.79
CA PRO A 261 4.63 -15.09 17.15
C PRO A 261 6.15 -14.95 17.18
N TRP A 262 6.86 -15.47 16.18
CA TRP A 262 8.31 -15.29 16.10
C TRP A 262 8.67 -13.83 15.87
N SER A 263 7.91 -13.17 14.98
CA SER A 263 8.14 -11.75 14.71
C SER A 263 7.80 -10.90 15.92
N TYR A 264 6.72 -11.27 16.61
CA TYR A 264 6.32 -10.58 17.84
C TYR A 264 7.43 -10.65 18.87
N ALA A 265 8.01 -11.84 19.03
CA ALA A 265 9.08 -12.07 20.00
C ALA A 265 10.33 -11.24 19.70
N ARG A 266 10.68 -11.15 18.41
CA ARG A 266 11.77 -10.27 17.99
C ARG A 266 11.46 -8.84 18.39
N GLY A 267 10.21 -8.43 18.22
CA GLY A 267 9.78 -7.09 18.58
C GLY A 267 9.88 -6.83 20.07
N VAL A 268 9.49 -7.82 20.87
CA VAL A 268 9.55 -7.69 22.32
C VAL A 268 10.99 -7.59 22.81
N LEU A 269 11.87 -8.40 22.25
CA LEU A 269 13.28 -8.40 22.64
C LEU A 269 13.96 -7.09 22.25
N GLN A 270 13.62 -6.58 21.06
CA GLN A 270 14.13 -5.29 20.61
C GLN A 270 13.69 -4.16 21.54
N ALA A 271 12.41 -4.18 21.91
CA ALA A 271 11.86 -3.17 22.81
C ALA A 271 12.51 -3.23 24.18
N ALA A 272 12.73 -4.45 24.67
CA ALA A 272 13.30 -4.65 25.99
C ALA A 272 14.82 -4.47 26.02
N GLY A 273 15.43 -4.38 24.85
CA GLY A 273 16.88 -4.30 24.75
C GLY A 273 17.54 -5.60 25.16
N ARG A 274 16.88 -6.72 24.86
CA ARG A 274 17.43 -8.04 25.15
C ARG A 274 17.89 -8.72 23.86
N PRO A 275 18.93 -9.56 23.94
CA PRO A 275 19.46 -10.23 22.74
C PRO A 275 18.63 -11.42 22.30
N LEU A 276 18.71 -11.75 21.02
CA LEU A 276 17.99 -12.90 20.46
C LEU A 276 18.48 -14.21 21.07
N SER A 277 19.70 -14.18 21.64
CA SER A 277 20.29 -15.38 22.21
C SER A 277 19.57 -15.87 23.46
N GLU A 278 18.64 -15.06 23.98
CA GLU A 278 17.80 -15.51 25.08
C GLU A 278 16.91 -16.67 24.66
N TRP A 279 16.70 -16.80 23.36
CA TRP A 279 15.89 -17.89 22.81
C TRP A 279 16.71 -18.93 22.05
N LYS A 280 18.03 -18.94 22.27
CA LYS A 280 18.92 -19.85 21.55
C LYS A 280 18.51 -21.30 21.72
N ASP A 281 18.34 -21.73 22.97
CA ASP A 281 17.96 -23.11 23.26
C ASP A 281 16.55 -23.43 22.77
N PHE A 282 15.65 -22.46 22.88
CA PHE A 282 14.29 -22.64 22.39
C PHE A 282 14.30 -22.86 20.89
N ALA A 283 15.06 -22.05 20.17
CA ALA A 283 15.16 -22.16 18.72
C ALA A 283 15.75 -23.50 18.31
N ARG A 284 16.80 -23.93 19.01
CA ARG A 284 17.47 -25.20 18.72
C ARG A 284 16.55 -26.42 18.86
N SER A 285 15.55 -26.32 19.74
CA SER A 285 14.66 -27.44 19.98
C SER A 285 13.80 -27.80 18.76
N PHE A 286 13.75 -26.89 17.79
CA PHE A 286 12.98 -27.14 16.57
C PHE A 286 13.85 -27.65 15.44
N VAL A 287 15.13 -27.87 15.73
CA VAL A 287 16.09 -28.33 14.72
C VAL A 287 16.63 -29.72 15.03
N ALA A 300 16.08 -32.62 10.89
CA ALA A 300 14.73 -32.64 11.45
C ALA A 300 14.30 -31.23 11.85
N VAL A 301 13.76 -30.49 10.89
CA VAL A 301 13.37 -29.10 11.13
C VAL A 301 11.85 -28.92 11.19
N LYS A 302 11.37 -28.37 12.30
CA LYS A 302 9.95 -28.16 12.49
C LYS A 302 9.55 -26.69 12.33
N SER A 303 10.54 -25.84 12.07
CA SER A 303 10.28 -24.41 11.88
C SER A 303 11.44 -23.71 11.19
N SER A 304 11.18 -23.11 10.03
CA SER A 304 12.19 -22.33 9.33
C SER A 304 12.51 -21.03 10.10
N HIS A 305 11.56 -20.56 10.89
CA HIS A 305 11.77 -19.35 11.69
C HIS A 305 12.80 -19.61 12.79
N ALA A 306 12.84 -20.83 13.29
CA ALA A 306 13.85 -21.24 14.25
C ALA A 306 15.25 -21.23 13.62
N ILE A 307 15.32 -21.60 12.35
CA ILE A 307 16.58 -21.58 11.61
C ILE A 307 17.09 -20.16 11.40
N GLU A 308 16.18 -19.26 11.00
CA GLU A 308 16.52 -17.87 10.79
C GLU A 308 16.92 -17.19 12.09
N TRP A 309 16.28 -17.60 13.18
CA TRP A 309 16.61 -17.09 14.50
C TRP A 309 18.04 -17.45 14.88
N LEU A 310 18.41 -18.71 14.66
CA LEU A 310 19.75 -19.18 15.00
C LEU A 310 20.82 -18.52 14.13
N ALA A 311 20.51 -18.33 12.85
CA ALA A 311 21.41 -17.64 11.95
C ALA A 311 21.81 -16.27 12.50
N ASP A 312 20.81 -15.51 12.96
CA ASP A 312 21.03 -14.18 13.52
C ASP A 312 21.81 -14.23 14.84
N VAL A 313 21.52 -15.22 15.66
CA VAL A 313 22.21 -15.39 16.94
C VAL A 313 23.70 -15.63 16.73
N TYR A 314 24.02 -16.58 15.85
CA TYR A 314 25.41 -16.93 15.57
C TYR A 314 26.17 -15.83 14.84
N ALA A 315 25.45 -15.03 14.06
CA ALA A 315 26.09 -14.00 13.24
C ALA A 315 26.26 -12.67 13.95
N GLU A 316 25.27 -12.28 14.75
CA GLU A 316 25.20 -10.92 15.26
C GLU A 316 25.47 -10.81 16.76
N GLU A 317 25.27 -11.91 17.50
CA GLU A 317 25.38 -11.86 18.95
C GLU A 317 26.42 -12.84 19.49
N ASP A 318 26.99 -13.64 18.61
CA ASP A 318 28.02 -14.59 19.01
C ASP A 318 29.36 -14.15 18.42
N GLY A 319 30.31 -13.84 19.29
CA GLY A 319 31.61 -13.37 18.86
C GLY A 319 32.70 -14.43 18.91
N SER A 320 32.30 -15.66 19.25
CA SER A 320 33.25 -16.76 19.31
C SER A 320 33.59 -17.27 17.91
N GLU A 321 34.73 -17.95 17.79
CA GLU A 321 35.15 -18.50 16.51
C GLU A 321 34.26 -19.68 16.11
N GLY A 322 33.99 -19.80 14.82
CA GLY A 322 33.15 -20.87 14.31
C GLY A 322 31.68 -20.49 14.27
N SER A 323 31.33 -19.42 14.98
CA SER A 323 29.94 -18.97 15.03
CA SER A 323 29.94 -18.97 15.03
C SER A 323 29.49 -18.42 13.68
N ALA A 324 30.40 -17.74 12.98
CA ALA A 324 30.11 -17.21 11.66
C ALA A 324 29.83 -18.34 10.68
N ALA A 325 30.64 -19.40 10.75
CA ALA A 325 30.46 -20.56 9.89
C ALA A 325 29.11 -21.25 10.13
N GLU A 326 28.67 -21.27 11.38
CA GLU A 326 27.40 -21.91 11.72
C GLU A 326 26.21 -21.10 11.19
N ALA A 327 26.33 -19.78 11.24
CA ALA A 327 25.30 -18.90 10.71
C ALA A 327 25.13 -19.15 9.22
N VAL A 328 26.25 -19.29 8.51
CA VAL A 328 26.25 -19.56 7.08
C VAL A 328 25.61 -20.92 6.77
N LYS A 329 25.88 -21.90 7.63
CA LYS A 329 25.22 -23.21 7.51
C LYS A 329 23.71 -23.08 7.61
N MET A 330 23.23 -22.30 8.58
CA MET A 330 21.80 -22.10 8.76
C MET A 330 21.16 -21.44 7.54
N LEU A 331 21.82 -20.40 7.03
CA LEU A 331 21.33 -19.69 5.87
C LEU A 331 21.36 -20.56 4.61
N THR A 332 22.29 -21.52 4.58
CA THR A 332 22.38 -22.45 3.46
C THR A 332 21.22 -23.43 3.48
N LEU A 333 20.83 -23.89 4.67
CA LEU A 333 19.65 -24.74 4.82
C LEU A 333 18.40 -24.02 4.35
N LEU A 334 18.30 -22.73 4.68
CA LEU A 334 17.18 -21.92 4.25
C LEU A 334 17.13 -21.76 2.74
N LYS A 335 18.26 -21.47 2.12
CA LYS A 335 18.28 -21.18 0.70
C LYS A 335 18.13 -22.43 -0.17
N GLU A 336 18.49 -23.58 0.39
CA GLU A 336 18.45 -24.82 -0.38
C GLU A 336 17.23 -25.68 -0.09
N LYS A 337 16.69 -25.57 1.13
CA LYS A 337 15.59 -26.45 1.51
C LYS A 337 14.37 -25.76 2.10
N TYR A 338 14.57 -24.95 3.14
CA TYR A 338 13.45 -24.54 3.98
C TYR A 338 12.75 -23.24 3.61
N ASP A 339 13.44 -22.36 2.88
CA ASP A 339 12.80 -21.17 2.32
C ASP A 339 13.51 -20.68 1.06
N PRO A 340 13.57 -21.53 0.01
CA PRO A 340 14.44 -21.22 -1.13
C PRO A 340 13.99 -20.07 -2.04
N ILE A 341 12.72 -19.65 -1.96
CA ILE A 341 12.28 -18.52 -2.79
C ILE A 341 13.01 -17.23 -2.37
N ARG A 342 13.50 -17.21 -1.14
CA ARG A 342 14.20 -16.05 -0.60
C ARG A 342 15.72 -16.22 -0.66
N ARG A 343 16.17 -17.07 -1.59
CA ARG A 343 17.59 -17.40 -1.77
C ARG A 343 18.50 -16.17 -1.87
N ASN A 344 18.08 -15.18 -2.66
CA ASN A 344 18.89 -13.99 -2.86
C ASN A 344 19.07 -13.16 -1.59
N TYR A 345 18.07 -13.17 -0.72
CA TYR A 345 18.20 -12.52 0.58
C TYR A 345 19.15 -13.30 1.50
N TRP A 346 18.96 -14.61 1.57
CA TRP A 346 19.83 -15.46 2.38
C TRP A 346 21.29 -15.31 1.96
N GLU A 347 21.52 -15.27 0.65
CA GLU A 347 22.87 -15.12 0.11
C GLU A 347 23.46 -13.75 0.43
N TYR A 348 22.60 -12.73 0.44
CA TYR A 348 23.02 -11.40 0.84
C TYR A 348 23.50 -11.41 2.30
N ARG A 349 22.74 -12.08 3.16
CA ARG A 349 23.13 -12.24 4.55
C ARG A 349 24.46 -12.99 4.69
N ILE A 350 24.63 -14.04 3.89
CA ILE A 350 25.87 -14.81 3.88
C ILE A 350 27.07 -13.93 3.52
N ARG A 351 26.90 -13.10 2.48
CA ARG A 351 27.96 -12.20 2.05
CA ARG A 351 27.97 -12.21 2.07
C ARG A 351 28.30 -11.18 3.15
N GLN A 352 27.29 -10.71 3.85
CA GLN A 352 27.50 -9.77 4.95
C GLN A 352 28.31 -10.40 6.07
N ILE A 353 27.96 -11.64 6.41
CA ILE A 353 28.61 -12.37 7.49
C ILE A 353 30.05 -12.71 7.13
N THR A 354 30.27 -13.11 5.88
CA THR A 354 31.60 -13.43 5.38
C THR A 354 32.52 -12.22 5.45
N ALA A 355 32.02 -11.07 4.99
CA ALA A 355 32.79 -9.83 5.02
C ALA A 355 33.12 -9.45 6.46
N SER A 356 32.12 -9.54 7.33
CA SER A 356 32.29 -9.22 8.75
C SER A 356 33.34 -10.11 9.42
N ALA A 357 33.26 -11.40 9.16
CA ALA A 357 34.21 -12.36 9.73
C ALA A 357 35.61 -12.11 9.19
N ALA A 358 35.69 -11.69 7.93
CA ALA A 358 36.97 -11.38 7.32
C ALA A 358 37.60 -10.15 7.96
N HIS A 359 36.75 -9.17 8.27
CA HIS A 359 37.19 -7.96 8.96
C HIS A 359 37.69 -8.31 10.36
N ALA A 360 36.99 -9.24 11.01
CA ALA A 360 37.38 -9.70 12.34
C ALA A 360 38.72 -10.43 12.30
N THR A 361 38.91 -11.27 11.30
CA THR A 361 40.17 -12.00 11.13
C THR A 361 41.28 -11.02 10.79
N GLU A 362 40.94 -9.97 10.07
CA GLU A 362 41.90 -8.95 9.65
C GLU A 362 42.47 -8.18 10.85
N ILE A 363 41.63 -7.92 11.83
CA ILE A 363 42.06 -7.19 13.03
C ILE A 363 42.23 -8.13 14.22
N HIS B 69 6.59 -29.91 -18.06
CA HIS B 69 7.70 -29.22 -18.71
C HIS B 69 8.95 -29.26 -17.83
N PRO B 70 10.06 -29.75 -18.40
CA PRO B 70 11.32 -29.93 -17.66
C PRO B 70 11.95 -28.63 -17.19
N GLY B 71 11.53 -27.50 -17.74
CA GLY B 71 12.09 -26.21 -17.37
C GLY B 71 11.50 -25.59 -16.12
N ILE B 72 10.58 -26.30 -15.48
CA ILE B 72 9.95 -25.81 -14.25
C ILE B 72 10.53 -26.51 -13.02
N PRO B 73 11.23 -25.75 -12.16
CA PRO B 73 11.87 -26.31 -10.97
C PRO B 73 10.83 -26.85 -9.98
N ALA B 74 11.23 -27.82 -9.16
CA ALA B 74 10.33 -28.41 -8.16
C ALA B 74 9.78 -27.38 -7.19
N LEU B 75 10.54 -26.31 -6.97
CA LEU B 75 10.15 -25.23 -6.08
C LEU B 75 8.77 -24.67 -6.42
N PHE B 76 8.42 -24.72 -7.70
CA PHE B 76 7.16 -24.14 -8.16
C PHE B 76 6.12 -25.18 -8.53
N ARG B 77 6.35 -26.43 -8.14
CA ARG B 77 5.43 -27.51 -8.49
C ARG B 77 4.93 -28.27 -7.26
N GLU B 78 5.35 -27.86 -6.08
CA GLU B 78 5.02 -28.56 -4.85
C GLU B 78 4.73 -27.58 -3.72
N PRO B 79 3.89 -27.98 -2.76
CA PRO B 79 3.67 -27.17 -1.55
C PRO B 79 4.96 -27.13 -0.72
N PRO B 80 5.06 -26.19 0.23
CA PRO B 80 6.25 -26.11 1.11
C PRO B 80 6.50 -27.40 1.89
N LEU B 81 7.75 -27.63 2.29
CA LEU B 81 8.12 -28.84 3.02
C LEU B 81 7.52 -28.89 4.42
N ILE B 82 7.66 -27.79 5.16
CA ILE B 82 7.20 -27.72 6.54
C ILE B 82 5.69 -27.52 6.62
N HIS B 83 5.01 -28.42 7.31
N HIS B 83 5.03 -28.39 7.36
CA HIS B 83 3.57 -28.29 7.48
CA HIS B 83 3.57 -28.37 7.48
C HIS B 83 3.12 -28.56 8.91
C HIS B 83 3.13 -28.56 8.94
N ASP B 84 2.47 -27.55 9.51
CA ASP B 84 1.95 -27.66 10.87
C ASP B 84 0.69 -28.53 10.89
N LEU B 85 0.47 -29.23 11.99
CA LEU B 85 -0.71 -30.07 12.15
C LEU B 85 -1.98 -29.25 12.37
N LEU B 86 -1.84 -28.15 13.11
CA LEU B 86 -2.98 -27.29 13.43
C LEU B 86 -3.57 -26.62 12.20
N SER B 87 -4.88 -26.82 12.01
CA SER B 87 -5.60 -26.18 10.91
C SER B 87 -6.42 -24.99 11.41
N THR B 88 -6.23 -23.83 10.78
CA THR B 88 -7.04 -22.66 11.07
C THR B 88 -7.52 -22.06 9.76
N GLU B 89 -8.33 -20.99 9.84
CA GLU B 89 -8.82 -20.33 8.65
CA GLU B 89 -8.82 -20.32 8.65
C GLU B 89 -7.68 -19.89 7.74
N THR B 90 -6.62 -19.36 8.35
CA THR B 90 -5.44 -18.92 7.60
C THR B 90 -4.88 -20.03 6.71
N THR B 91 -4.68 -21.22 7.28
CA THR B 91 -4.09 -22.32 6.51
C THR B 91 -5.07 -22.89 5.49
N GLU B 92 -6.36 -22.83 5.80
CA GLU B 92 -7.38 -23.28 4.86
C GLU B 92 -7.38 -22.42 3.60
N LEU B 93 -7.29 -21.11 3.78
CA LEU B 93 -7.22 -20.20 2.64
C LEU B 93 -5.90 -20.34 1.88
N GLN B 94 -4.81 -20.50 2.63
CA GLN B 94 -3.49 -20.63 2.00
C GLN B 94 -3.41 -21.92 1.18
N SER B 95 -3.94 -22.99 1.74
N SER B 95 -3.94 -23.00 1.72
CA SER B 95 -3.96 -24.28 1.05
CA SER B 95 -3.95 -24.29 1.02
C SER B 95 -4.77 -24.23 -0.25
C SER B 95 -4.78 -24.25 -0.25
N GLU B 96 -5.94 -23.59 -0.18
CA GLU B 96 -6.81 -23.46 -1.35
C GLU B 96 -6.13 -22.65 -2.45
N THR B 97 -5.36 -21.64 -2.04
CA THR B 97 -4.69 -20.77 -3.00
C THR B 97 -3.55 -21.52 -3.69
N VAL B 98 -2.77 -22.25 -2.91
CA VAL B 98 -1.71 -23.09 -3.47
C VAL B 98 -2.29 -24.10 -4.45
N ASN B 99 -3.38 -24.74 -4.07
CA ASN B 99 -4.00 -25.74 -4.92
C ASN B 99 -4.54 -25.20 -6.24
N LYS B 100 -5.06 -23.97 -6.21
CA LYS B 100 -5.54 -23.32 -7.43
C LYS B 100 -4.37 -22.93 -8.33
N CYS B 101 -3.25 -22.56 -7.74
CA CYS B 101 -2.09 -22.09 -8.49
C CYS B 101 -1.27 -23.22 -9.12
N LEU B 102 -1.21 -24.37 -8.46
CA LEU B 102 -0.36 -25.46 -8.90
C LEU B 102 -0.52 -25.91 -10.37
N PRO B 103 -1.77 -26.18 -10.82
CA PRO B 103 -1.91 -26.58 -12.22
C PRO B 103 -1.49 -25.48 -13.21
N LEU B 104 -1.66 -24.22 -12.82
CA LEU B 104 -1.26 -23.10 -13.67
C LEU B 104 0.26 -22.93 -13.70
N LEU B 105 0.90 -23.01 -12.53
CA LEU B 105 2.36 -22.97 -12.45
C LEU B 105 2.99 -24.07 -13.30
N LYS B 106 2.37 -25.25 -13.28
CA LYS B 106 2.85 -26.38 -14.05
C LYS B 106 2.54 -26.24 -15.54
N GLY B 107 1.69 -25.27 -15.87
CA GLY B 107 1.35 -25.01 -17.26
C GLY B 107 0.43 -26.05 -17.88
N ILE B 108 -0.32 -26.75 -17.04
CA ILE B 108 -1.16 -27.84 -17.53
C ILE B 108 -2.67 -27.56 -17.43
N HIS B 109 -3.02 -26.34 -17.09
CA HIS B 109 -4.44 -25.96 -17.02
C HIS B 109 -4.95 -25.61 -18.41
N ASN B 110 -6.16 -26.07 -18.74
CA ASN B 110 -6.70 -25.90 -20.09
C ASN B 110 -7.08 -24.46 -20.45
N SER B 111 -7.07 -23.58 -19.46
CA SER B 111 -7.40 -22.17 -19.70
C SER B 111 -6.20 -21.39 -20.24
N GLN B 112 -5.02 -22.02 -20.23
CA GLN B 112 -3.78 -21.33 -20.58
C GLN B 112 -3.46 -21.40 -22.06
N LYS B 113 -2.99 -20.29 -22.61
CA LYS B 113 -2.56 -20.23 -24.01
C LYS B 113 -1.04 -20.21 -24.09
N GLY B 114 -0.48 -20.78 -25.15
CA GLY B 114 0.95 -20.74 -25.37
C GLY B 114 1.36 -19.52 -26.18
N PRO B 115 2.59 -19.52 -26.73
CA PRO B 115 3.57 -20.60 -26.59
C PRO B 115 4.25 -20.58 -25.22
N PHE B 116 4.68 -21.76 -24.77
CA PHE B 116 5.40 -21.88 -23.52
C PHE B 116 6.90 -21.82 -23.81
N ASN B 117 7.63 -21.00 -23.06
CA ASN B 117 9.06 -20.87 -23.28
C ASN B 117 9.86 -22.03 -22.70
N LYS B 118 11.19 -21.93 -22.74
CA LYS B 118 12.05 -23.00 -22.25
C LYS B 118 11.97 -23.16 -20.74
N TYR B 119 11.32 -22.20 -20.07
CA TYR B 119 11.13 -22.29 -18.63
C TYR B 119 9.72 -22.80 -18.28
N GLY B 120 8.96 -23.15 -19.30
CA GLY B 120 7.63 -23.70 -19.10
C GLY B 120 6.57 -22.65 -18.81
N ILE B 121 6.85 -21.42 -19.21
CA ILE B 121 5.98 -20.29 -18.91
C ILE B 121 5.28 -19.76 -20.16
N PRO B 122 3.95 -19.61 -20.09
CA PRO B 122 3.18 -19.08 -21.23
C PRO B 122 3.57 -17.64 -21.55
N ALA B 123 3.42 -17.28 -22.82
CA ALA B 123 3.72 -15.93 -23.28
C ALA B 123 2.76 -14.92 -22.67
N LEU B 124 3.20 -13.67 -22.56
CA LEU B 124 2.29 -12.59 -22.20
C LEU B 124 1.33 -12.42 -23.36
N GLN B 125 0.04 -12.51 -23.09
CA GLN B 125 -0.95 -12.43 -24.17
C GLN B 125 -1.22 -10.97 -24.52
N ARG B 126 -0.26 -10.33 -25.18
CA ARG B 126 -0.28 -8.89 -25.42
C ARG B 126 -1.56 -8.42 -26.11
N LYS B 127 -1.97 -9.09 -27.17
CA LYS B 127 -3.16 -8.70 -27.93
C LYS B 127 -4.43 -8.77 -27.08
N ASP B 128 -4.55 -9.82 -26.26
CA ASP B 128 -5.71 -9.99 -25.39
C ASP B 128 -5.79 -8.86 -24.36
N HIS B 129 -4.63 -8.51 -23.79
CA HIS B 129 -4.60 -7.47 -22.76
C HIS B 129 -4.81 -6.08 -23.35
N LEU B 130 -4.29 -5.86 -24.56
CA LEU B 130 -4.52 -4.59 -25.26
C LEU B 130 -6.01 -4.36 -25.46
N GLU B 131 -6.70 -5.37 -25.98
CA GLU B 131 -8.13 -5.27 -26.24
CA GLU B 131 -8.13 -5.29 -26.24
C GLU B 131 -8.90 -5.02 -24.95
N TYR B 132 -8.50 -5.70 -23.88
CA TYR B 132 -9.14 -5.51 -22.57
C TYR B 132 -8.99 -4.07 -22.09
N LEU B 133 -7.77 -3.54 -22.18
CA LEU B 133 -7.47 -2.20 -21.68
C LEU B 133 -8.17 -1.10 -22.48
N TYR B 134 -8.23 -1.27 -23.80
CA TYR B 134 -8.94 -0.31 -24.65
C TYR B 134 -10.44 -0.30 -24.33
N ASP B 135 -11.01 -1.49 -24.12
CA ASP B 135 -12.42 -1.59 -23.79
CA ASP B 135 -12.42 -1.59 -23.79
C ASP B 135 -12.72 -0.96 -22.42
N SER B 136 -11.74 -1.01 -21.52
CA SER B 136 -11.94 -0.49 -20.17
C SER B 136 -12.01 1.03 -20.11
N LEU B 137 -11.70 1.69 -21.22
CA LEU B 137 -11.76 3.15 -21.27
C LEU B 137 -13.09 3.65 -21.77
N GLU B 138 -13.99 2.73 -22.11
CA GLU B 138 -15.30 3.12 -22.61
C GLU B 138 -16.37 3.08 -21.52
N ASP B 139 -17.63 2.89 -21.90
CA ASP B 139 -18.75 3.06 -20.98
C ASP B 139 -19.11 1.81 -20.16
N TYR B 140 -19.45 2.02 -18.89
CA TYR B 140 -19.85 0.95 -17.98
C TYR B 140 -21.33 1.03 -17.64
N PRO B 141 -21.96 -0.13 -17.39
CA PRO B 141 -23.37 -0.14 -16.99
C PRO B 141 -23.59 0.39 -15.57
N ALA B 142 -24.84 0.59 -15.20
CA ALA B 142 -25.19 1.21 -13.92
C ALA B 142 -24.65 0.46 -12.71
N SER B 143 -24.43 -0.83 -12.85
CA SER B 143 -23.94 -1.67 -11.77
C SER B 143 -22.54 -1.26 -11.29
N PHE B 144 -21.84 -0.47 -12.10
CA PHE B 144 -20.48 -0.03 -11.75
C PHE B 144 -20.48 1.29 -10.99
N VAL B 145 -21.61 1.67 -10.42
CA VAL B 145 -21.75 2.93 -9.69
C VAL B 145 -20.75 3.06 -8.55
N ALA B 146 -20.31 1.93 -8.01
CA ALA B 146 -19.33 1.94 -6.91
C ALA B 146 -17.99 2.57 -7.32
N LEU B 147 -17.73 2.63 -8.61
CA LEU B 147 -16.48 3.21 -9.11
C LEU B 147 -16.61 4.70 -9.44
N ASP B 148 -17.78 5.27 -9.17
CA ASP B 148 -18.05 6.67 -9.52
C ASP B 148 -17.02 7.64 -8.95
N ALA B 149 -16.59 7.40 -7.71
CA ALA B 149 -15.62 8.30 -7.07
C ALA B 149 -14.19 7.98 -7.47
N SER B 150 -14.00 6.94 -8.28
CA SER B 150 -12.66 6.51 -8.67
CA SER B 150 -12.67 6.50 -8.67
C SER B 150 -12.44 6.50 -10.18
N ARG B 151 -13.27 7.26 -10.91
CA ARG B 151 -13.12 7.33 -12.36
C ARG B 151 -11.74 7.82 -12.86
N PRO B 152 -11.13 8.80 -12.17
CA PRO B 152 -9.76 9.13 -12.61
C PRO B 152 -8.79 7.96 -12.50
N TRP B 153 -8.92 7.14 -11.47
CA TRP B 153 -8.09 5.93 -11.33
C TRP B 153 -8.26 5.03 -12.54
N MET B 154 -9.50 4.86 -13.00
N MET B 154 -9.51 4.86 -12.98
CA MET B 154 -9.78 3.97 -14.11
CA MET B 154 -9.85 4.01 -14.12
C MET B 154 -9.10 4.42 -15.40
C MET B 154 -9.08 4.44 -15.36
N VAL B 155 -9.02 5.74 -15.58
CA VAL B 155 -8.32 6.29 -16.73
C VAL B 155 -6.82 6.01 -16.62
N TYR B 156 -6.27 6.21 -15.44
CA TYR B 156 -4.84 5.99 -15.21
C TYR B 156 -4.41 4.53 -15.42
N TRP B 157 -5.14 3.60 -14.81
CA TRP B 157 -4.81 2.17 -14.89
C TRP B 157 -4.78 1.70 -16.34
N ALA B 158 -5.76 2.13 -17.13
CA ALA B 158 -5.82 1.76 -18.54
C ALA B 158 -4.68 2.36 -19.36
N LEU B 159 -4.43 3.66 -19.19
CA LEU B 159 -3.36 4.32 -19.92
C LEU B 159 -1.99 3.75 -19.55
N ALA B 160 -1.82 3.46 -18.25
CA ALA B 160 -0.58 2.86 -17.77
C ALA B 160 -0.37 1.49 -18.41
N GLY B 161 -1.41 0.66 -18.41
CA GLY B 161 -1.34 -0.66 -19.03
C GLY B 161 -1.01 -0.60 -20.52
N LEU B 162 -1.66 0.34 -21.23
CA LEU B 162 -1.41 0.52 -22.65
C LEU B 162 0.03 0.98 -22.91
N CYS B 163 0.51 1.92 -22.11
N CYS B 163 0.52 1.88 -22.08
CA CYS B 163 1.89 2.39 -22.23
CA CYS B 163 1.87 2.39 -22.23
C CYS B 163 2.87 1.24 -22.03
C CYS B 163 2.91 1.29 -21.96
N LEU B 164 2.64 0.46 -20.97
CA LEU B 164 3.50 -0.67 -20.65
C LEU B 164 3.63 -1.64 -21.83
N LEU B 165 2.52 -1.88 -22.51
CA LEU B 165 2.46 -2.81 -23.63
C LEU B 165 2.97 -2.20 -24.92
N GLY B 166 3.39 -0.93 -24.87
CA GLY B 166 4.06 -0.29 -25.98
C GLY B 166 3.20 0.55 -26.90
N GLU B 167 1.99 0.89 -26.46
CA GLU B 167 1.10 1.72 -27.25
C GLU B 167 1.43 3.20 -27.13
N ASP B 168 1.18 3.94 -28.19
CA ASP B 168 1.27 5.40 -28.18
C ASP B 168 -0.09 5.93 -27.71
N VAL B 169 -0.13 6.56 -26.54
CA VAL B 169 -1.40 7.04 -26.00
C VAL B 169 -1.60 8.53 -26.25
N THR B 170 -0.81 9.09 -27.16
CA THR B 170 -0.94 10.49 -27.56
C THR B 170 -2.35 10.81 -28.05
N ARG B 171 -2.96 9.86 -28.76
CA ARG B 171 -4.28 10.08 -29.35
C ARG B 171 -5.39 10.24 -28.31
N PHE B 172 -5.08 10.00 -27.05
CA PHE B 172 -6.06 10.15 -25.97
C PHE B 172 -6.04 11.54 -25.33
N ARG B 173 -5.18 12.42 -25.82
CA ARG B 173 -5.01 13.76 -25.24
C ARG B 173 -6.32 14.50 -25.06
N GLU B 174 -7.11 14.61 -26.14
CA GLU B 174 -8.34 15.38 -26.11
C GLU B 174 -9.36 14.77 -25.16
N ARG B 175 -9.48 13.44 -25.18
CA ARG B 175 -10.42 12.75 -24.30
C ARG B 175 -10.02 12.83 -22.83
N VAL B 176 -8.71 12.80 -22.57
CA VAL B 176 -8.22 13.01 -21.21
C VAL B 176 -8.55 14.41 -20.70
N ILE B 177 -8.31 15.42 -21.55
CA ILE B 177 -8.64 16.80 -21.21
C ILE B 177 -10.12 16.97 -20.88
N SER B 178 -10.97 16.39 -21.71
CA SER B 178 -12.42 16.46 -21.52
C SER B 178 -12.85 15.79 -20.22
N THR B 179 -12.19 14.69 -19.87
CA THR B 179 -12.53 13.95 -18.66
C THR B 179 -12.20 14.72 -17.40
N PHE B 180 -11.01 15.32 -17.35
CA PHE B 180 -10.52 15.92 -16.11
C PHE B 180 -10.90 17.40 -15.96
N THR B 181 -11.32 18.03 -17.05
CA THR B 181 -11.77 19.42 -16.97
C THR B 181 -12.95 19.53 -16.02
N ALA B 182 -13.89 18.61 -16.16
CA ALA B 182 -15.11 18.60 -15.34
C ALA B 182 -14.85 18.22 -13.90
N ALA B 183 -13.81 17.42 -13.66
CA ALA B 183 -13.53 16.90 -12.33
C ALA B 183 -12.66 17.83 -11.49
N GLN B 184 -12.10 18.85 -12.11
CA GLN B 184 -11.26 19.80 -11.39
C GLN B 184 -12.11 20.88 -10.71
N ASN B 185 -11.86 21.09 -9.42
CA ASN B 185 -12.60 22.08 -8.66
C ASN B 185 -11.92 23.45 -8.70
N SER B 186 -12.73 24.50 -8.76
CA SER B 186 -12.21 25.86 -8.89
C SER B 186 -11.38 26.28 -7.67
N THR B 187 -11.65 25.65 -6.53
CA THR B 187 -10.89 25.94 -5.31
C THR B 187 -9.60 25.12 -5.28
N GLY B 188 -9.41 24.26 -6.28
CA GLY B 188 -8.16 23.53 -6.43
C GLY B 188 -8.26 22.04 -6.29
N GLY B 189 -7.42 21.33 -7.03
CA GLY B 189 -7.37 19.88 -6.95
C GLY B 189 -8.38 19.22 -7.87
N ILE B 190 -8.30 17.90 -7.93
CA ILE B 190 -9.20 17.12 -8.78
C ILE B 190 -9.90 16.07 -7.94
N GLY B 191 -11.21 15.91 -8.18
CA GLY B 191 -11.99 14.91 -7.48
C GLY B 191 -12.39 13.77 -8.39
N GLY B 192 -13.26 12.89 -7.88
CA GLY B 192 -13.67 11.72 -8.64
C GLY B 192 -14.55 12.04 -9.84
N GLY B 193 -15.10 13.25 -9.86
CA GLY B 193 -15.97 13.68 -10.95
C GLY B 193 -16.68 14.96 -10.59
N HIS B 194 -17.53 15.45 -11.50
CA HIS B 194 -18.27 16.69 -11.29
C HIS B 194 -19.04 16.70 -9.98
N GLY B 195 -18.74 17.66 -9.11
CA GLY B 195 -19.43 17.81 -7.86
C GLY B 195 -18.80 17.06 -6.69
N GLN B 196 -17.73 16.33 -6.96
CA GLN B 196 -17.02 15.63 -5.89
C GLN B 196 -15.85 16.48 -5.42
N MET B 197 -15.62 16.50 -4.11
CA MET B 197 -14.53 17.31 -3.57
C MET B 197 -13.18 16.75 -3.99
N SER B 198 -12.17 17.61 -4.03
CA SER B 198 -10.85 17.20 -4.47
C SER B 198 -10.28 16.14 -3.53
N HIS B 199 -9.51 15.23 -4.11
CA HIS B 199 -8.97 14.09 -3.37
C HIS B 199 -7.57 13.84 -3.95
N VAL B 200 -6.60 13.56 -3.09
CA VAL B 200 -5.21 13.40 -3.56
C VAL B 200 -5.04 12.25 -4.55
N ALA B 201 -5.81 11.17 -4.37
CA ALA B 201 -5.70 9.99 -5.23
C ALA B 201 -6.23 10.28 -6.64
N SER B 202 -7.32 11.04 -6.73
N SER B 202 -7.32 11.03 -6.72
CA SER B 202 -7.86 11.41 -8.03
CA SER B 202 -7.87 11.45 -8.00
C SER B 202 -6.99 12.47 -8.72
C SER B 202 -6.89 12.37 -8.70
N SER B 203 -6.32 13.29 -7.93
CA SER B 203 -5.38 14.27 -8.46
C SER B 203 -4.11 13.59 -8.97
N TYR B 204 -3.61 12.64 -8.17
CA TYR B 204 -2.51 11.78 -8.54
C TYR B 204 -2.78 11.07 -9.87
N ALA B 205 -3.93 10.40 -9.95
CA ALA B 205 -4.32 9.67 -11.16
C ALA B 205 -4.42 10.60 -12.36
N ALA B 206 -5.01 11.77 -12.16
CA ALA B 206 -5.20 12.73 -13.24
C ALA B 206 -3.86 13.29 -13.72
N VAL B 207 -2.98 13.61 -12.79
CA VAL B 207 -1.67 14.14 -13.13
C VAL B 207 -0.82 13.13 -13.92
N LEU B 208 -0.83 11.87 -13.46
CA LEU B 208 -0.09 10.82 -14.15
C LEU B 208 -0.66 10.54 -15.54
N SER B 209 -1.98 10.58 -15.65
CA SER B 209 -2.65 10.41 -16.93
C SER B 209 -2.27 11.53 -17.89
N ILE B 210 -2.26 12.75 -17.38
CA ILE B 210 -1.87 13.91 -18.15
C ILE B 210 -0.42 13.81 -18.59
N ALA B 211 0.43 13.31 -17.69
CA ALA B 211 1.83 13.09 -18.00
C ALA B 211 2.02 12.09 -19.14
N MET B 212 1.25 11.01 -19.12
CA MET B 212 1.38 9.98 -20.16
C MET B 212 0.94 10.46 -21.54
N VAL B 213 -0.19 11.17 -21.62
CA VAL B 213 -0.67 11.65 -22.92
C VAL B 213 0.16 12.84 -23.41
N GLY B 214 0.69 13.62 -22.47
CA GLY B 214 1.56 14.73 -22.81
C GLY B 214 0.84 15.88 -23.50
N GLY B 215 1.63 16.82 -24.02
CA GLY B 215 1.07 17.95 -24.74
C GLY B 215 0.89 19.16 -23.85
N GLU B 216 1.15 20.33 -24.42
CA GLU B 216 1.01 21.59 -23.71
C GLU B 216 -0.44 21.83 -23.26
N GLU B 217 -1.39 21.44 -24.09
CA GLU B 217 -2.80 21.68 -23.79
C GLU B 217 -3.28 20.90 -22.56
N ALA B 218 -2.82 19.67 -22.41
CA ALA B 218 -3.15 18.87 -21.24
C ALA B 218 -2.46 19.43 -20.00
N PHE B 219 -1.22 19.87 -20.16
CA PHE B 219 -0.46 20.46 -19.06
C PHE B 219 -1.14 21.72 -18.53
N LYS B 220 -1.69 22.52 -19.45
CA LYS B 220 -2.30 23.79 -19.09
C LYS B 220 -3.65 23.63 -18.37
N LEU B 221 -4.20 22.42 -18.40
CA LEU B 221 -5.50 22.15 -17.80
C LEU B 221 -5.50 22.40 -16.29
N ILE B 222 -4.41 22.02 -15.64
CA ILE B 222 -4.31 22.12 -14.19
C ILE B 222 -4.11 23.55 -13.72
N ASP B 223 -4.93 23.98 -12.76
CA ASP B 223 -4.71 25.24 -12.08
C ASP B 223 -3.67 24.99 -10.98
N ARG B 224 -2.41 25.35 -11.27
CA ARG B 224 -1.29 25.06 -10.36
C ARG B 224 -1.43 25.74 -9.01
N LYS B 225 -1.77 27.02 -9.01
CA LYS B 225 -1.84 27.77 -7.78
C LYS B 225 -2.97 27.28 -6.89
N ALA B 226 -4.11 26.97 -7.50
CA ALA B 226 -5.24 26.44 -6.75
C ALA B 226 -4.89 25.07 -6.16
N MET B 227 -4.20 24.23 -6.93
CA MET B 227 -3.77 22.92 -6.46
C MET B 227 -2.86 23.05 -5.23
N TRP B 228 -1.95 24.01 -5.30
CA TRP B 228 -1.01 24.30 -4.22
C TRP B 228 -1.74 24.72 -2.95
N LYS B 229 -2.69 25.64 -3.10
CA LYS B 229 -3.48 26.12 -1.96
C LYS B 229 -4.30 25.01 -1.33
N TRP B 230 -4.92 24.18 -2.17
CA TRP B 230 -5.73 23.08 -1.67
C TRP B 230 -4.89 22.01 -0.96
N LEU B 231 -3.76 21.63 -1.57
CA LEU B 231 -2.87 20.64 -0.96
C LEU B 231 -2.33 21.13 0.37
N GLY B 232 -2.19 22.45 0.50
CA GLY B 232 -1.73 23.05 1.74
C GLY B 232 -2.71 22.83 2.88
N LYS B 233 -3.99 22.73 2.55
CA LYS B 233 -5.04 22.49 3.55
C LYS B 233 -4.96 21.08 4.12
N LEU B 234 -4.30 20.18 3.39
CA LEU B 234 -4.26 18.77 3.78
C LEU B 234 -3.10 18.45 4.73
N LYS B 235 -2.13 19.35 4.79
CA LYS B 235 -0.97 19.17 5.65
C LYS B 235 -1.37 19.18 7.13
N GLN B 236 -1.02 18.12 7.84
CA GLN B 236 -1.41 17.93 9.24
C GLN B 236 -0.26 18.24 10.19
N PRO B 237 -0.58 18.59 11.45
CA PRO B 237 0.48 18.96 12.41
C PRO B 237 1.50 17.85 12.66
N ASP B 238 1.08 16.59 12.52
CA ASP B 238 2.00 15.47 12.73
C ASP B 238 2.90 15.20 11.52
N GLY B 239 2.77 16.03 10.48
CA GLY B 239 3.65 15.94 9.33
C GLY B 239 3.07 15.23 8.12
N GLY B 240 1.99 14.49 8.31
CA GLY B 240 1.37 13.74 7.24
C GLY B 240 0.32 14.54 6.48
N PHE B 241 -0.43 13.86 5.61
CA PHE B 241 -1.47 14.49 4.81
C PHE B 241 -2.76 13.69 4.90
N THR B 242 -3.88 14.40 5.01
CA THR B 242 -5.19 13.78 4.78
C THR B 242 -5.42 13.66 3.27
N VAL B 243 -6.30 12.75 2.87
CA VAL B 243 -6.55 12.52 1.44
C VAL B 243 -7.49 13.56 0.84
N CYS B 244 -8.27 14.21 1.70
CA CYS B 244 -9.14 15.30 1.31
C CYS B 244 -9.53 16.02 2.58
N GLU B 245 -10.15 17.20 2.44
CA GLU B 245 -10.57 17.94 3.62
C GLU B 245 -11.63 17.17 4.38
N GLY B 246 -11.33 16.80 5.62
CA GLY B 246 -12.24 16.02 6.44
C GLY B 246 -12.04 14.53 6.28
N GLY B 247 -11.12 14.14 5.40
CA GLY B 247 -10.88 12.73 5.11
C GLY B 247 -9.77 12.10 5.96
N GLU B 248 -9.49 10.82 5.68
CA GLU B 248 -8.53 10.07 6.48
C GLU B 248 -7.07 10.50 6.26
N GLU B 249 -6.25 10.34 7.30
CA GLU B 249 -4.81 10.55 7.16
C GLU B 249 -4.06 9.22 7.10
N ASP B 250 -3.46 8.91 5.95
CA ASP B 250 -2.63 7.72 5.82
C ASP B 250 -1.47 7.97 4.86
N VAL B 251 -0.51 7.04 4.81
CA VAL B 251 0.70 7.28 4.04
C VAL B 251 0.42 7.27 2.53
N ARG B 252 -0.70 6.68 2.14
CA ARG B 252 -1.17 6.76 0.75
C ARG B 252 -1.42 8.22 0.41
N GLY B 253 -2.00 8.95 1.36
CA GLY B 253 -2.24 10.37 1.19
C GLY B 253 -0.96 11.16 1.03
N ALA B 254 0.04 10.86 1.87
CA ALA B 254 1.33 11.53 1.80
C ALA B 254 2.02 11.30 0.46
N TYR B 255 2.03 10.05 0.00
CA TYR B 255 2.66 9.70 -1.26
C TYR B 255 1.99 10.37 -2.46
N CYS B 256 0.66 10.28 -2.53
CA CYS B 256 -0.09 10.89 -3.64
C CYS B 256 0.11 12.40 -3.66
N ALA B 257 0.07 13.03 -2.49
CA ALA B 257 0.25 14.48 -2.40
C ALA B 257 1.63 14.91 -2.90
N MET B 258 2.66 14.19 -2.50
CA MET B 258 4.02 14.59 -2.83
C MET B 258 4.38 14.32 -4.29
N VAL B 259 3.78 13.29 -4.88
CA VAL B 259 3.98 13.03 -6.30
C VAL B 259 3.36 14.15 -7.14
N VAL B 260 2.14 14.54 -6.80
CA VAL B 260 1.49 15.66 -7.47
C VAL B 260 2.32 16.93 -7.31
N HIS B 261 2.82 17.14 -6.09
CA HIS B 261 3.66 18.29 -5.77
C HIS B 261 4.95 18.31 -6.60
N ALA B 262 5.59 17.15 -6.72
CA ALA B 262 6.85 17.05 -7.45
C ALA B 262 6.67 17.23 -8.96
N LEU B 263 5.69 16.55 -9.53
CA LEU B 263 5.49 16.57 -10.98
C LEU B 263 5.04 17.92 -11.52
N LEU B 264 4.29 18.67 -10.69
CA LEU B 264 3.83 19.99 -11.10
C LEU B 264 4.78 21.11 -10.67
N ASP B 265 5.88 20.73 -10.02
CA ASP B 265 6.84 21.70 -9.47
C ASP B 265 6.17 22.79 -8.63
N LEU B 266 5.36 22.38 -7.67
CA LEU B 266 4.69 23.33 -6.80
C LEU B 266 5.71 23.91 -5.82
N PRO B 267 5.43 25.11 -5.28
CA PRO B 267 6.35 25.70 -4.29
C PRO B 267 6.48 24.82 -3.05
N LEU B 268 7.70 24.72 -2.53
CA LEU B 268 7.97 23.90 -1.36
C LEU B 268 7.33 24.49 -0.10
N ALA B 269 7.27 25.81 -0.03
CA ALA B 269 6.66 26.48 1.12
C ALA B 269 5.16 26.23 1.15
N LEU B 270 4.61 26.10 2.35
CA LEU B 270 3.16 26.04 2.51
C LEU B 270 2.59 27.41 2.16
N PRO B 271 1.36 27.44 1.65
CA PRO B 271 0.68 28.73 1.44
C PRO B 271 0.73 29.55 2.72
N PRO B 272 0.89 30.87 2.60
CA PRO B 272 1.11 31.75 3.77
C PRO B 272 0.00 31.70 4.80
N GLU B 273 -1.18 31.20 4.41
CA GLU B 273 -2.31 31.14 5.33
C GLU B 273 -2.71 29.71 5.68
N ALA B 274 -1.85 28.74 5.35
CA ALA B 274 -2.12 27.35 5.67
C ALA B 274 -2.26 27.13 7.17
N GLU B 275 -3.25 26.33 7.56
CA GLU B 275 -3.52 26.04 8.96
CA GLU B 275 -3.52 26.04 8.96
C GLU B 275 -2.31 25.41 9.66
N ALA B 276 -1.63 24.53 8.93
CA ALA B 276 -0.47 23.82 9.48
C ALA B 276 0.63 24.76 9.96
N ARG B 277 0.64 26.00 9.46
CA ARG B 277 1.63 26.98 9.91
C ARG B 277 1.44 27.36 11.38
N GLN B 278 0.22 27.20 11.89
CA GLN B 278 -0.07 27.48 13.29
CA GLN B 278 -0.05 27.49 13.30
C GLN B 278 0.55 26.41 14.18
N ASN B 279 0.99 25.32 13.57
CA ASN B 279 1.59 24.21 14.29
C ASN B 279 3.09 24.12 14.04
N GLY B 280 3.70 25.23 13.65
CA GLY B 280 5.14 25.30 13.50
C GLY B 280 5.69 24.83 12.15
N LEU B 281 4.82 24.32 11.28
CA LEU B 281 5.27 23.83 9.98
C LEU B 281 5.37 24.96 8.95
N GLU B 282 6.37 24.87 8.07
CA GLU B 282 6.62 25.92 7.09
C GLU B 282 6.57 25.42 5.64
N THR B 283 6.90 24.15 5.45
CA THR B 283 6.93 23.58 4.09
C THR B 283 6.13 22.29 4.02
N PHE B 284 5.88 21.82 2.80
CA PHE B 284 5.15 20.59 2.60
C PHE B 284 5.89 19.37 3.13
N THR B 285 7.21 19.46 3.22
CA THR B 285 8.02 18.32 3.67
C THR B 285 8.37 18.37 5.16
N ASP B 286 8.09 19.49 5.81
CA ASP B 286 8.33 19.63 7.25
C ASP B 286 7.59 18.55 8.05
N GLY B 287 8.35 17.78 8.83
CA GLY B 287 7.78 16.76 9.69
C GLY B 287 7.37 15.49 8.96
N LEU B 288 7.54 15.48 7.65
CA LEU B 288 7.09 14.34 6.83
C LEU B 288 7.91 13.06 6.98
N PRO B 289 9.25 13.12 6.86
CA PRO B 289 9.98 11.85 7.02
C PRO B 289 9.89 11.31 8.44
N GLU B 290 9.74 12.21 9.42
CA GLU B 290 9.53 11.80 10.81
C GLU B 290 8.20 11.06 10.96
N TYR B 291 7.15 11.60 10.33
CA TYR B 291 5.86 10.93 10.28
C TYR B 291 5.98 9.53 9.68
N LEU B 292 6.69 9.43 8.55
CA LEU B 292 6.86 8.12 7.89
C LEU B 292 7.64 7.15 8.78
N SER B 293 8.64 7.66 9.50
CA SER B 293 9.40 6.83 10.44
C SER B 293 8.49 6.25 11.53
N ARG B 294 7.50 7.04 11.96
CA ARG B 294 6.57 6.60 12.99
C ARG B 294 5.54 5.59 12.47
N CYS B 295 5.61 5.30 11.17
CA CYS B 295 4.75 4.29 10.57
C CYS B 295 5.44 2.93 10.42
N GLN B 296 6.73 2.85 10.73
CA GLN B 296 7.38 1.54 10.72
C GLN B 296 6.86 0.74 11.91
N THR B 297 6.76 -0.58 11.76
CA THR B 297 6.29 -1.42 12.86
C THR B 297 7.37 -2.36 13.36
N TYR B 298 7.07 -3.06 14.44
CA TYR B 298 7.99 -4.04 15.03
C TYR B 298 8.35 -5.14 14.03
N GLU B 299 7.50 -5.36 13.03
CA GLU B 299 7.74 -6.38 12.02
C GLU B 299 8.83 -5.98 11.04
N GLY B 300 9.03 -4.67 10.91
CA GLY B 300 10.01 -4.14 9.97
C GLY B 300 9.35 -3.41 8.83
N GLY B 301 8.11 -3.81 8.51
CA GLY B 301 7.35 -3.17 7.46
C GLY B 301 6.75 -1.85 7.89
N ILE B 302 5.92 -1.29 7.03
CA ILE B 302 5.37 0.05 7.23
C ILE B 302 3.85 0.00 7.12
N SER B 303 3.18 0.62 8.07
CA SER B 303 1.72 0.60 8.10
C SER B 303 1.10 1.86 7.50
N GLY B 304 -0.23 1.85 7.37
CA GLY B 304 -0.95 2.98 6.77
C GLY B 304 -0.96 4.22 7.65
N SER B 305 -1.03 3.99 8.95
CA SER B 305 -0.95 5.06 9.93
C SER B 305 -0.21 4.48 11.14
N PRO B 306 0.31 5.34 12.03
CA PRO B 306 1.09 4.80 13.15
C PRO B 306 0.32 3.79 14.01
N GLY B 307 0.95 2.65 14.28
CA GLY B 307 0.37 1.62 15.13
C GLY B 307 -0.38 0.53 14.38
N SER B 308 -0.72 0.80 13.12
CA SER B 308 -1.42 -0.19 12.31
C SER B 308 -0.47 -1.27 11.82
N GLU B 309 -1.00 -2.23 11.07
CA GLU B 309 -0.24 -3.41 10.68
C GLU B 309 0.61 -3.14 9.44
N ALA B 310 1.84 -3.64 9.44
CA ALA B 310 2.74 -3.49 8.29
C ALA B 310 2.09 -4.06 7.05
N HIS B 311 2.15 -3.31 5.95
CA HIS B 311 1.53 -3.73 4.70
C HIS B 311 2.35 -3.25 3.50
N GLY B 312 2.54 -4.15 2.52
CA GLY B 312 3.33 -3.85 1.34
C GLY B 312 2.91 -2.59 0.61
N ALA B 313 1.61 -2.34 0.56
CA ALA B 313 1.09 -1.16 -0.12
C ALA B 313 1.62 0.13 0.50
N TYR B 314 1.63 0.17 1.82
CA TYR B 314 2.09 1.36 2.52
C TYR B 314 3.61 1.42 2.59
N ALA B 315 4.27 0.27 2.51
CA ALA B 315 5.72 0.24 2.41
C ALA B 315 6.17 0.95 1.14
N PHE B 316 5.49 0.66 0.03
CA PHE B 316 5.82 1.36 -1.22
C PHE B 316 5.60 2.86 -1.09
N CYS B 317 4.42 3.26 -0.62
CA CYS B 317 4.09 4.69 -0.48
C CYS B 317 5.14 5.41 0.36
N ALA B 318 5.48 4.82 1.49
CA ALA B 318 6.45 5.43 2.41
C ALA B 318 7.86 5.52 1.80
N LEU B 319 8.32 4.43 1.19
CA LEU B 319 9.66 4.41 0.61
C LEU B 319 9.78 5.35 -0.60
N ALA B 320 8.75 5.34 -1.44
CA ALA B 320 8.73 6.23 -2.60
C ALA B 320 8.72 7.69 -2.15
N CYS B 321 7.95 7.98 -1.11
CA CYS B 321 7.90 9.33 -0.58
CA CYS B 321 7.89 9.31 -0.52
C CYS B 321 9.25 9.76 -0.02
N LEU B 322 9.93 8.88 0.70
CA LEU B 322 11.25 9.18 1.24
C LEU B 322 12.23 9.50 0.11
N CYS B 323 12.13 8.75 -0.99
CA CYS B 323 13.02 8.94 -2.13
C CYS B 323 12.69 10.20 -2.93
N LEU B 324 11.56 10.82 -2.62
CA LEU B 324 11.23 12.14 -3.16
C LEU B 324 11.87 13.25 -2.31
N LEU B 325 12.41 12.87 -1.15
CA LEU B 325 12.97 13.85 -0.22
C LEU B 325 14.48 13.98 -0.32
N GLY B 326 15.13 12.99 -0.93
CA GLY B 326 16.57 13.00 -1.09
C GLY B 326 17.07 11.71 -1.68
N ARG B 327 18.39 11.52 -1.64
CA ARG B 327 18.99 10.29 -2.15
C ARG B 327 18.58 9.12 -1.29
N PRO B 328 18.22 7.99 -1.92
CA PRO B 328 17.76 6.80 -1.20
C PRO B 328 18.75 6.35 -0.11
N GLU B 329 20.05 6.37 -0.41
CA GLU B 329 21.05 5.89 0.55
C GLU B 329 21.24 6.85 1.74
N VAL B 330 20.67 8.04 1.64
CA VAL B 330 20.69 8.97 2.76
C VAL B 330 19.40 8.90 3.57
N VAL B 331 18.27 9.03 2.88
N VAL B 331 18.26 9.03 2.88
CA VAL B 331 16.98 9.18 3.53
CA VAL B 331 16.97 9.18 3.55
C VAL B 331 16.44 7.87 4.13
C VAL B 331 16.39 7.88 4.10
N VAL B 332 16.56 6.78 3.37
CA VAL B 332 15.98 5.51 3.81
C VAL B 332 16.63 4.96 5.09
N PRO B 333 17.98 4.89 5.14
CA PRO B 333 18.59 4.39 6.38
C PRO B 333 18.39 5.32 7.56
N ARG B 334 18.17 6.61 7.29
CA ARG B 334 18.02 7.58 8.37
C ARG B 334 16.67 7.44 9.07
N TYR B 335 15.61 7.20 8.30
CA TYR B 335 14.27 7.21 8.87
C TYR B 335 13.65 5.82 9.05
N MET B 336 14.22 4.82 8.37
CA MET B 336 13.76 3.44 8.51
C MET B 336 14.86 2.53 9.04
N ASN B 337 14.49 1.57 9.89
CA ASN B 337 15.41 0.51 10.27
C ASN B 337 15.44 -0.52 9.15
N ILE B 338 16.49 -0.48 8.34
CA ILE B 338 16.61 -1.37 7.18
C ILE B 338 16.86 -2.82 7.61
N ALA B 339 17.45 -2.98 8.80
CA ALA B 339 17.71 -4.31 9.34
C ALA B 339 16.45 -5.12 9.60
N THR B 340 15.34 -4.43 9.87
CA THR B 340 14.06 -5.11 10.05
C THR B 340 13.19 -5.02 8.79
N LEU B 341 13.36 -3.93 8.04
CA LEU B 341 12.59 -3.75 6.81
C LEU B 341 12.93 -4.81 5.77
N LEU B 342 14.23 -5.05 5.58
CA LEU B 342 14.70 -6.01 4.57
C LEU B 342 14.15 -7.44 4.69
N PRO B 343 14.27 -8.07 5.87
CA PRO B 343 13.72 -9.43 5.94
C PRO B 343 12.20 -9.48 5.82
N TRP B 344 11.50 -8.45 6.30
CA TRP B 344 10.05 -8.41 6.18
C TRP B 344 9.63 -8.30 4.72
N LEU B 345 10.34 -7.47 3.96
CA LEU B 345 10.08 -7.32 2.54
C LEU B 345 10.38 -8.62 1.80
N SER B 346 11.50 -9.25 2.16
CA SER B 346 11.87 -10.54 1.61
C SER B 346 10.78 -11.59 1.88
N ALA B 347 10.25 -11.57 3.10
CA ALA B 347 9.24 -12.55 3.52
C ALA B 347 7.87 -12.37 2.84
N ARG B 348 7.73 -11.33 2.03
CA ARG B 348 6.48 -11.14 1.28
C ARG B 348 6.27 -12.18 0.19
N GLN B 349 7.35 -12.80 -0.27
CA GLN B 349 7.28 -13.71 -1.41
C GLN B 349 7.11 -15.17 -0.98
N TYR B 350 6.13 -15.85 -1.59
CA TYR B 350 5.85 -17.25 -1.27
C TYR B 350 6.25 -18.20 -2.40
N ALA B 351 6.54 -19.44 -2.04
CA ALA B 351 6.62 -20.54 -3.00
C ALA B 351 5.59 -21.58 -2.54
N PRO B 352 4.96 -22.27 -3.50
CA PRO B 352 5.26 -22.28 -4.94
C PRO B 352 4.63 -21.15 -5.75
N GLU B 353 3.74 -20.34 -5.15
CA GLU B 353 3.02 -19.31 -5.91
C GLU B 353 3.96 -18.36 -6.67
N GLY B 354 4.99 -17.89 -5.98
CA GLY B 354 6.00 -17.05 -6.61
C GLY B 354 5.73 -15.56 -6.46
N GLY B 355 4.48 -15.21 -6.18
CA GLY B 355 4.08 -13.82 -6.05
C GLY B 355 4.23 -13.28 -4.63
N PHE B 356 3.77 -12.04 -4.43
CA PHE B 356 3.91 -11.37 -3.14
C PHE B 356 2.58 -11.24 -2.41
N SER B 357 2.62 -11.44 -1.09
CA SER B 357 1.49 -11.13 -0.22
C SER B 357 1.67 -9.71 0.30
N GLY B 358 0.61 -9.12 0.82
CA GLY B 358 0.67 -7.75 1.32
C GLY B 358 1.07 -7.66 2.79
N ARG B 359 0.69 -8.67 3.56
CA ARG B 359 1.02 -8.70 4.98
C ARG B 359 1.18 -10.12 5.48
N THR B 360 1.78 -10.25 6.64
CA THR B 360 2.11 -11.55 7.22
C THR B 360 0.89 -12.44 7.38
N ASN B 361 1.01 -13.67 6.89
CA ASN B 361 -0.02 -14.69 6.99
C ASN B 361 -1.29 -14.45 6.15
N LYS B 362 -1.20 -13.57 5.17
CA LYS B 362 -2.28 -13.42 4.20
C LYS B 362 -1.82 -13.91 2.82
N LEU B 363 -2.61 -13.66 1.77
CA LEU B 363 -2.39 -14.36 0.50
C LEU B 363 -1.66 -13.54 -0.57
N VAL B 364 -1.03 -14.24 -1.51
CA VAL B 364 -0.42 -13.57 -2.66
C VAL B 364 -1.49 -12.84 -3.47
N ASP B 365 -1.06 -11.83 -4.21
CA ASP B 365 -1.97 -11.01 -5.00
C ASP B 365 -1.13 -10.32 -6.07
N GLY B 366 -1.56 -10.46 -7.33
CA GLY B 366 -0.83 -9.90 -8.46
C GLY B 366 -0.54 -8.41 -8.41
N CYS B 367 -1.37 -7.63 -7.72
CA CYS B 367 -1.12 -6.19 -7.67
C CYS B 367 0.10 -5.85 -6.82
N TYR B 368 0.44 -6.74 -5.89
CA TYR B 368 1.63 -6.52 -5.06
C TYR B 368 2.91 -6.74 -5.86
N SER B 369 2.78 -7.20 -7.10
CA SER B 369 3.91 -7.25 -8.01
C SER B 369 4.46 -5.83 -8.15
N HIS B 370 3.56 -4.85 -8.10
CA HIS B 370 3.98 -3.46 -8.04
C HIS B 370 4.27 -2.99 -6.61
N TRP B 371 3.28 -3.04 -5.73
CA TRP B 371 3.42 -2.45 -4.39
C TRP B 371 4.63 -2.99 -3.64
N VAL B 372 4.78 -4.31 -3.63
CA VAL B 372 5.96 -4.91 -3.02
C VAL B 372 7.14 -4.91 -3.99
N GLY B 373 6.86 -5.30 -5.24
CA GLY B 373 7.92 -5.41 -6.23
C GLY B 373 8.74 -4.15 -6.41
N ASN B 374 8.07 -3.01 -6.50
CA ASN B 374 8.79 -1.76 -6.70
C ASN B 374 9.37 -1.14 -5.43
N CYS B 375 9.19 -1.80 -4.29
CA CYS B 375 9.95 -1.44 -3.10
C CYS B 375 11.40 -1.83 -3.32
N TRP B 376 11.63 -2.88 -4.09
CA TRP B 376 12.97 -3.44 -4.24
C TRP B 376 14.01 -2.51 -4.90
N PRO B 377 13.66 -1.88 -6.05
CA PRO B 377 14.62 -0.93 -6.60
C PRO B 377 14.95 0.23 -5.64
N LEU B 378 13.99 0.62 -4.82
CA LEU B 378 14.19 1.71 -3.86
C LEU B 378 15.12 1.28 -2.72
N VAL B 379 14.86 0.11 -2.16
N VAL B 379 14.89 0.10 -2.17
CA VAL B 379 15.67 -0.42 -1.09
CA VAL B 379 15.70 -0.36 -1.06
C VAL B 379 17.09 -0.72 -1.57
C VAL B 379 17.09 -0.82 -1.53
N GLN B 380 17.17 -1.32 -2.76
CA GLN B 380 18.45 -1.70 -3.33
C GLN B 380 19.31 -0.48 -3.67
N ALA B 381 18.66 0.61 -4.08
CA ALA B 381 19.37 1.88 -4.28
C ALA B 381 19.86 2.44 -2.94
N ALA B 382 19.08 2.24 -1.88
CA ALA B 382 19.46 2.70 -0.55
C ALA B 382 20.72 1.97 -0.08
N LEU B 383 20.86 0.72 -0.51
CA LEU B 383 22.02 -0.10 -0.17
C LEU B 383 23.20 0.14 -1.10
N ASP B 384 22.93 0.32 -2.39
CA ASP B 384 23.99 0.50 -3.40
C ASP B 384 24.56 1.91 -3.40
N GLY B 385 23.69 2.90 -3.21
CA GLY B 385 24.09 4.29 -3.32
C GLY B 385 23.96 4.78 -4.75
N THR B 386 24.15 6.09 -4.91
CA THR B 386 24.01 6.73 -6.21
C THR B 386 25.10 6.30 -7.19
N GLN B 387 24.69 5.89 -8.39
CA GLN B 387 25.62 5.45 -9.42
C GLN B 387 26.16 6.63 -10.23
N PRO B 388 27.50 6.76 -10.30
CA PRO B 388 28.12 7.83 -11.08
C PRO B 388 28.17 7.49 -12.56
N LEU B 389 28.08 8.50 -13.42
CA LEU B 389 28.16 8.29 -14.87
C LEU B 389 29.56 8.60 -15.39
N SER B 395 29.21 -1.32 -8.20
CA SER B 395 28.96 -2.55 -7.44
C SER B 395 27.57 -2.53 -6.82
N SER B 396 26.80 -3.59 -7.06
CA SER B 396 25.42 -3.64 -6.61
C SER B 396 25.11 -4.89 -5.78
N VAL B 397 24.18 -4.76 -4.85
CA VAL B 397 23.74 -5.90 -4.05
C VAL B 397 22.91 -6.85 -4.91
N GLY B 398 22.51 -6.39 -6.09
CA GLY B 398 21.71 -7.18 -7.00
C GLY B 398 20.26 -7.23 -6.53
N ASN B 399 19.50 -8.18 -7.08
CA ASN B 399 18.11 -8.36 -6.68
C ASN B 399 18.02 -9.28 -5.47
N LEU B 400 17.32 -8.83 -4.43
CA LEU B 400 17.27 -9.58 -3.18
C LEU B 400 15.99 -10.43 -3.07
N TYR B 401 15.26 -10.51 -4.17
CA TYR B 401 14.07 -11.33 -4.25
C TYR B 401 14.17 -12.24 -5.47
N SER B 402 13.17 -13.08 -5.69
CA SER B 402 13.15 -13.98 -6.82
C SER B 402 12.37 -13.40 -8.00
N ARG B 403 13.09 -12.94 -9.01
CA ARG B 403 12.46 -12.47 -10.24
C ARG B 403 11.77 -13.62 -10.97
N GLU B 404 12.36 -14.81 -10.92
CA GLU B 404 11.77 -15.98 -11.54
C GLU B 404 10.39 -16.27 -10.95
N GLY B 405 10.31 -16.28 -9.63
CA GLY B 405 9.06 -16.54 -8.94
C GLY B 405 7.97 -15.55 -9.29
N LEU B 406 8.29 -14.26 -9.23
CA LEU B 406 7.31 -13.23 -9.54
C LEU B 406 6.80 -13.37 -10.97
N THR B 407 7.72 -13.59 -11.90
CA THR B 407 7.39 -13.73 -13.32
C THR B 407 6.49 -14.95 -13.56
N ARG B 408 6.79 -16.05 -12.88
CA ARG B 408 5.96 -17.24 -12.96
C ARG B 408 4.54 -16.96 -12.45
N TYR B 409 4.44 -16.29 -11.31
CA TYR B 409 3.13 -15.97 -10.76
C TYR B 409 2.30 -15.11 -11.71
N ILE B 410 2.91 -14.05 -12.25
CA ILE B 410 2.20 -13.16 -13.16
C ILE B 410 1.78 -13.85 -14.45
N LEU B 411 2.74 -14.46 -15.14
CA LEU B 411 2.47 -15.03 -16.45
C LEU B 411 1.70 -16.35 -16.42
N SER B 412 2.02 -17.22 -15.44
CA SER B 412 1.35 -18.51 -15.35
C SER B 412 -0.01 -18.43 -14.65
N CYS B 413 -0.11 -17.56 -13.64
CA CYS B 413 -1.29 -17.57 -12.77
C CYS B 413 -2.24 -16.37 -12.89
N CYS B 414 -1.73 -15.24 -13.36
CA CYS B 414 -2.52 -14.01 -13.31
C CYS B 414 -3.12 -13.57 -14.64
N GLN B 415 -2.92 -14.35 -15.70
CA GLN B 415 -3.49 -14.02 -16.99
C GLN B 415 -4.85 -14.65 -17.20
N CYS B 416 -5.85 -13.82 -17.50
N CYS B 416 -5.85 -13.83 -17.51
CA CYS B 416 -7.17 -14.30 -17.84
CA CYS B 416 -7.17 -14.34 -17.83
C CYS B 416 -7.23 -14.64 -19.33
C CYS B 416 -7.26 -14.62 -19.32
N LYS B 417 -7.85 -15.76 -19.67
CA LYS B 417 -7.87 -16.23 -21.05
C LYS B 417 -8.54 -15.28 -22.05
N LEU B 418 -9.46 -14.47 -21.57
CA LEU B 418 -10.17 -13.53 -22.43
C LEU B 418 -9.54 -12.13 -22.41
N GLY B 419 -8.42 -12.00 -21.72
CA GLY B 419 -7.74 -10.72 -21.61
C GLY B 419 -7.88 -10.12 -20.22
N GLY B 420 -6.91 -9.29 -19.84
CA GLY B 420 -6.87 -8.69 -18.52
C GLY B 420 -6.10 -9.57 -17.55
N LEU B 421 -5.61 -8.98 -16.47
CA LEU B 421 -4.92 -9.75 -15.44
C LEU B 421 -5.67 -9.66 -14.12
N ARG B 422 -5.41 -10.61 -13.22
CA ARG B 422 -6.21 -10.76 -12.02
C ARG B 422 -5.36 -10.82 -10.75
N ASP B 423 -6.03 -10.58 -9.62
CA ASP B 423 -5.47 -10.74 -8.29
C ASP B 423 -4.84 -12.14 -8.17
N LYS B 424 -5.66 -13.17 -8.38
CA LYS B 424 -5.22 -14.55 -8.23
C LYS B 424 -6.21 -15.43 -8.98
N PRO B 425 -5.86 -16.71 -9.23
CA PRO B 425 -6.82 -17.63 -9.84
C PRO B 425 -8.13 -17.67 -9.06
N GLY B 426 -9.24 -17.70 -9.78
CA GLY B 426 -10.54 -17.68 -9.14
C GLY B 426 -11.14 -16.29 -9.03
N LYS B 427 -10.37 -15.27 -9.41
CA LYS B 427 -10.88 -13.90 -9.44
C LYS B 427 -11.05 -13.42 -10.87
N HIS B 428 -12.07 -12.59 -11.10
CA HIS B 428 -12.23 -11.94 -12.41
C HIS B 428 -11.13 -10.90 -12.58
N PRO B 429 -10.74 -10.61 -13.83
CA PRO B 429 -9.77 -9.54 -14.04
C PRO B 429 -10.40 -8.17 -13.81
N ASP B 430 -9.56 -7.18 -13.53
CA ASP B 430 -10.02 -5.79 -13.51
C ASP B 430 -8.85 -4.91 -13.96
N SER B 431 -9.12 -3.66 -14.28
CA SER B 431 -8.07 -2.82 -14.85
C SER B 431 -7.01 -2.43 -13.81
N TYR B 432 -7.40 -2.39 -12.54
CA TYR B 432 -6.47 -2.13 -11.45
C TYR B 432 -5.42 -3.24 -11.36
N HIS B 433 -5.87 -4.49 -11.32
CA HIS B 433 -4.95 -5.62 -11.24
C HIS B 433 -4.19 -5.83 -12.54
N THR B 434 -4.80 -5.46 -13.66
CA THR B 434 -4.12 -5.52 -14.96
C THR B 434 -2.96 -4.54 -14.97
N CYS B 435 -3.22 -3.30 -14.57
CA CYS B 435 -2.18 -2.28 -14.50
C CYS B 435 -0.99 -2.71 -13.63
N TYR B 436 -1.28 -3.15 -12.41
CA TYR B 436 -0.20 -3.37 -11.45
C TYR B 436 0.56 -4.69 -11.63
N ALA B 437 -0.09 -5.70 -12.19
CA ALA B 437 0.63 -6.92 -12.54
C ALA B 437 1.60 -6.65 -13.69
N LEU B 438 1.19 -5.84 -14.65
CA LEU B 438 2.07 -5.49 -15.77
C LEU B 438 3.20 -4.59 -15.30
N THR B 439 2.91 -3.70 -14.36
CA THR B 439 3.93 -2.81 -13.80
C THR B 439 5.02 -3.65 -13.12
N GLY B 440 4.59 -4.66 -12.35
CA GLY B 440 5.51 -5.55 -11.69
C GLY B 440 6.32 -6.40 -12.66
N LEU B 441 5.67 -6.84 -13.73
CA LEU B 441 6.38 -7.60 -14.75
C LEU B 441 7.46 -6.74 -15.40
N SER B 442 7.16 -5.46 -15.61
CA SER B 442 8.14 -4.56 -16.19
C SER B 442 9.35 -4.37 -15.28
N THR B 443 9.11 -4.27 -13.97
CA THR B 443 10.21 -4.02 -13.05
CA THR B 443 10.17 -4.07 -12.98
C THR B 443 11.25 -5.14 -13.04
N VAL B 444 10.83 -6.39 -13.22
CA VAL B 444 11.79 -7.49 -13.23
C VAL B 444 12.64 -7.51 -14.50
N GLN B 445 12.21 -6.74 -15.50
CA GLN B 445 12.88 -6.73 -16.80
C GLN B 445 13.91 -5.62 -16.93
N TYR B 446 14.08 -4.82 -15.87
CA TYR B 446 15.02 -3.70 -15.90
C TYR B 446 15.87 -3.53 -14.66
N TYR B 447 17.08 -3.04 -14.85
N TYR B 447 17.07 -3.03 -14.83
CA TYR B 447 17.89 -2.52 -13.76
CA TYR B 447 17.86 -2.55 -13.71
C TYR B 447 17.45 -1.07 -13.55
C TYR B 447 17.52 -1.08 -13.50
N HIS B 448 16.86 -0.77 -12.40
CA HIS B 448 16.48 0.60 -12.08
C HIS B 448 17.44 1.12 -11.01
N TYR B 449 18.04 2.27 -11.27
CA TYR B 449 19.03 2.83 -10.35
C TYR B 449 19.02 4.35 -10.40
N CYS B 450 19.47 4.98 -9.32
N CYS B 450 19.44 4.99 -9.32
CA CYS B 450 19.54 6.43 -9.24
CA CYS B 450 19.52 6.45 -9.28
C CYS B 450 20.96 6.91 -9.56
C CYS B 450 20.94 6.92 -9.56
N THR B 451 21.06 8.08 -10.18
CA THR B 451 22.36 8.59 -10.60
C THR B 451 22.67 10.00 -10.07
N ASP B 452 23.82 10.53 -10.47
CA ASP B 452 24.22 11.88 -10.11
C ASP B 452 23.84 12.86 -11.21
N SER B 453 23.04 12.38 -12.16
CA SER B 453 22.61 13.19 -13.29
C SER B 453 21.08 13.33 -13.30
N SER B 454 20.61 14.55 -13.05
CA SER B 454 19.17 14.80 -12.96
C SER B 454 18.65 15.62 -14.13
N VAL B 455 17.41 15.35 -14.53
CA VAL B 455 16.77 16.14 -15.58
C VAL B 455 16.12 17.39 -15.01
N SER B 456 16.15 17.50 -13.68
CA SER B 456 15.63 18.69 -13.00
C SER B 456 16.70 19.79 -12.95
N SER B 457 16.28 21.02 -13.21
CA SER B 457 17.20 22.15 -13.20
C SER B 457 17.40 22.70 -11.79
N LYS B 458 16.67 22.15 -10.83
CA LYS B 458 16.78 22.59 -9.44
C LYS B 458 17.37 21.51 -8.54
N ASP B 459 17.05 21.57 -7.25
CA ASP B 459 17.62 20.63 -6.28
C ASP B 459 16.55 19.92 -5.45
N ASP B 460 15.33 20.47 -5.45
CA ASP B 460 14.21 19.80 -4.80
C ASP B 460 13.77 18.63 -5.66
N PHE B 461 13.59 17.47 -5.04
CA PHE B 461 13.27 16.22 -5.73
C PHE B 461 14.34 15.88 -6.77
N SER B 462 15.56 16.38 -6.58
CA SER B 462 16.63 16.20 -7.56
C SER B 462 16.96 14.73 -7.79
N SER B 463 17.09 13.97 -6.71
CA SER B 463 17.37 12.54 -6.80
C SER B 463 16.25 11.80 -7.51
N ALA B 464 15.01 12.21 -7.25
CA ALA B 464 13.84 11.55 -7.83
C ALA B 464 13.81 11.64 -9.35
N PHE B 465 14.49 12.63 -9.91
CA PHE B 465 14.56 12.78 -11.36
C PHE B 465 15.92 12.38 -11.92
N SER B 466 16.65 11.56 -11.16
N SER B 466 16.65 11.56 -11.16
CA SER B 466 17.95 11.07 -11.60
CA SER B 466 17.95 11.08 -11.57
C SER B 466 17.91 9.57 -11.85
C SER B 466 17.90 9.57 -11.87
N TRP B 467 16.72 8.99 -11.75
CA TRP B 467 16.55 7.55 -11.98
C TRP B 467 16.71 7.19 -13.45
N LYS B 468 17.51 6.16 -13.70
CA LYS B 468 17.75 5.69 -15.06
C LYS B 468 17.58 4.18 -15.11
N HIS B 469 17.63 3.62 -16.31
CA HIS B 469 17.35 2.20 -16.45
C HIS B 469 18.17 1.52 -17.53
N ASP B 470 18.51 0.26 -17.26
CA ASP B 470 19.15 -0.59 -18.26
CA ASP B 470 19.17 -0.60 -18.24
C ASP B 470 18.38 -1.90 -18.31
N PRO B 471 18.28 -2.50 -19.51
CA PRO B 471 17.48 -3.72 -19.55
C PRO B 471 18.14 -4.90 -18.86
N ASN B 472 17.36 -5.67 -18.12
N ASN B 472 17.35 -5.65 -18.11
CA ASN B 472 17.83 -6.95 -17.62
CA ASN B 472 17.75 -6.96 -17.61
C ASN B 472 17.34 -8.05 -18.55
C ASN B 472 17.29 -8.00 -18.62
N PHE B 473 18.21 -8.47 -19.45
CA PHE B 473 17.84 -9.36 -20.54
C PHE B 473 17.40 -10.75 -20.09
N ALA B 474 16.51 -11.36 -20.88
CA ALA B 474 16.04 -12.71 -20.65
C ALA B 474 17.22 -13.67 -20.54
N SER B 475 17.12 -14.61 -19.61
CA SER B 475 18.23 -15.49 -19.26
C SER B 475 18.18 -16.83 -19.97
N ASP B 476 19.27 -17.57 -19.86
CA ASP B 476 19.32 -18.96 -20.29
C ASP B 476 19.87 -19.79 -19.13
N GLY B 477 19.41 -21.03 -19.01
CA GLY B 477 19.87 -21.89 -17.93
C GLY B 477 19.29 -21.53 -16.58
N GLN B 478 19.82 -22.15 -15.53
CA GLN B 478 19.32 -21.92 -14.18
C GLN B 478 20.18 -20.90 -13.42
N GLY B 479 19.66 -20.44 -12.29
CA GLY B 479 20.35 -19.43 -11.49
C GLY B 479 19.41 -18.82 -10.47
N SER B 480 19.97 -18.12 -9.48
CA SER B 480 19.17 -17.55 -8.41
C SER B 480 18.54 -16.21 -8.80
N ASP B 481 19.09 -15.57 -9.84
CA ASP B 481 18.56 -14.29 -10.28
C ASP B 481 18.49 -14.26 -11.80
N ILE B 482 17.44 -14.85 -12.35
CA ILE B 482 17.30 -15.01 -13.80
C ILE B 482 16.00 -14.43 -14.35
N GLY B 483 16.04 -14.04 -15.61
CA GLY B 483 14.87 -13.53 -16.30
C GLY B 483 14.21 -14.64 -17.10
N VAL B 484 13.05 -15.09 -16.64
CA VAL B 484 12.38 -16.25 -17.22
C VAL B 484 11.23 -15.86 -18.16
N PHE B 485 11.02 -14.56 -18.32
CA PHE B 485 10.19 -14.03 -19.38
C PHE B 485 10.97 -14.17 -20.68
N THR B 486 10.30 -14.06 -21.82
CA THR B 486 11.01 -13.98 -23.10
C THR B 486 11.18 -12.52 -23.48
N GLU B 487 12.03 -12.24 -24.46
CA GLU B 487 12.18 -10.86 -24.90
C GLU B 487 10.92 -10.37 -25.62
N ASN B 488 10.15 -11.30 -26.18
CA ASN B 488 8.85 -11.00 -26.74
C ASN B 488 7.88 -10.46 -25.68
N ASP B 489 8.17 -10.75 -24.42
CA ASP B 489 7.34 -10.29 -23.30
C ASP B 489 7.78 -8.94 -22.73
N ARG B 490 8.77 -8.30 -23.36
CA ARG B 490 9.35 -7.08 -22.79
C ARG B 490 8.40 -5.88 -22.81
N LEU B 491 8.26 -5.25 -21.65
CA LEU B 491 7.41 -4.08 -21.51
C LEU B 491 8.26 -2.81 -21.43
N VAL B 492 7.60 -1.66 -21.59
CA VAL B 492 8.24 -0.36 -21.44
C VAL B 492 8.61 -0.14 -19.97
N PRO B 493 9.80 0.43 -19.71
CA PRO B 493 10.20 0.67 -18.32
C PRO B 493 9.39 1.79 -17.66
N PHE B 494 9.07 1.61 -16.38
CA PHE B 494 8.36 2.62 -15.59
C PHE B 494 9.27 3.17 -14.50
N HIS B 495 9.10 4.47 -14.22
CA HIS B 495 9.78 5.12 -13.11
C HIS B 495 9.31 4.49 -11.80
N PRO B 496 10.24 4.03 -10.95
CA PRO B 496 9.86 3.32 -9.72
C PRO B 496 9.12 4.17 -8.68
N ILE B 497 9.28 5.49 -8.75
CA ILE B 497 8.57 6.39 -7.84
C ILE B 497 7.26 6.88 -8.46
N PHE B 498 7.30 7.31 -9.71
CA PHE B 498 6.16 7.96 -10.35
C PHE B 498 5.19 7.01 -11.06
N VAL B 499 5.64 5.78 -11.30
CA VAL B 499 4.81 4.74 -11.90
C VAL B 499 4.21 5.18 -13.25
N ILE B 500 5.06 5.84 -14.04
CA ILE B 500 4.78 6.18 -15.43
C ILE B 500 6.13 6.07 -16.15
N PRO B 501 6.14 6.12 -17.49
CA PRO B 501 7.44 6.09 -18.18
C PRO B 501 8.36 7.24 -17.76
N HIS B 502 9.66 6.98 -17.72
CA HIS B 502 10.64 8.00 -17.31
C HIS B 502 10.51 9.29 -18.10
N LYS B 503 10.35 9.16 -19.42
CA LYS B 503 10.24 10.33 -20.29
C LYS B 503 8.98 11.15 -19.99
N SER B 504 7.91 10.47 -19.60
CA SER B 504 6.65 11.14 -19.27
C SER B 504 6.83 11.99 -18.00
N ALA B 505 7.47 11.40 -16.99
CA ALA B 505 7.73 12.12 -15.74
C ALA B 505 8.68 13.27 -15.97
N GLU B 506 9.69 13.04 -16.82
CA GLU B 506 10.67 14.07 -17.15
C GLU B 506 10.02 15.26 -17.85
N ASP B 507 9.25 14.97 -18.90
CA ASP B 507 8.65 16.02 -19.72
C ASP B 507 7.71 16.92 -18.91
N ILE B 508 6.85 16.34 -18.09
CA ILE B 508 5.92 17.15 -17.31
C ILE B 508 6.62 18.02 -16.26
N ARG B 509 7.60 17.44 -15.57
CA ARG B 509 8.37 18.18 -14.57
C ARG B 509 9.15 19.33 -15.19
N VAL B 510 9.82 19.06 -16.30
CA VAL B 510 10.63 20.08 -16.97
C VAL B 510 9.75 21.21 -17.50
N TRP B 511 8.57 20.86 -18.03
CA TRP B 511 7.65 21.88 -18.55
C TRP B 511 7.20 22.83 -17.45
N PHE B 512 6.78 22.28 -16.32
CA PHE B 512 6.32 23.10 -15.20
C PHE B 512 7.46 23.91 -14.54
N GLU B 513 8.65 23.33 -14.50
CA GLU B 513 9.83 24.04 -13.99
C GLU B 513 10.08 25.32 -14.78
N ASN B 514 9.71 25.31 -16.04
CA ASN B 514 9.95 26.47 -16.91
C ASN B 514 8.75 27.41 -17.01
N GLN B 515 7.70 27.10 -16.26
CA GLN B 515 6.54 28.00 -16.18
C GLN B 515 6.63 28.80 -14.88
N SER B 516 6.41 30.11 -14.97
CA SER B 516 6.33 30.92 -13.77
C SER B 516 5.07 30.53 -12.99
N PHE B 517 5.16 30.58 -11.67
CA PHE B 517 4.02 30.23 -10.84
C PHE B 517 2.95 31.30 -10.99
N ASP B 518 1.70 30.86 -11.16
CA ASP B 518 0.59 31.77 -11.39
CA ASP B 518 0.60 31.78 -11.40
C ASP B 518 0.42 32.79 -10.26
N LEU B 519 -0.02 33.98 -10.62
CA LEU B 519 -0.22 35.05 -9.64
C LEU B 519 -1.60 34.99 -8.98
#